data_2BEL
#
_entry.id   2BEL
#
_cell.length_a   160.162
_cell.length_b   112.984
_cell.length_c   66.326
_cell.angle_alpha   90.00
_cell.angle_beta   90.00
_cell.angle_gamma   90.00
#
_symmetry.space_group_name_H-M   'P 21 21 2'
#
loop_
_entity.id
_entity.type
_entity.pdbx_description
1 polymer 'CORTICOSTEROID 11-BETA-DEHYDROGENASE ISOZYME 1'
2 non-polymer 'NADP NICOTINAMIDE-ADENINE-DINUCLEOTIDE PHOSPHATE'
3 non-polymer CARBENOXOLONE
4 non-polymer 'CHLORIDE ION'
5 water water
#
_entity_poly.entity_id   1
_entity_poly.type   'polypeptide(L)'
_entity_poly.pdbx_seq_one_letter_code
;GSSHHHHHHSSGRENLYFQGHMEFRPEMLQGKKVIVTGASKGIGREMAYHLAKMGAHVVVTARSKETLQKVVSHCLELGA
ASAHYIAGTMEDMTFAEQFVAQAGKLMGGLDMLILNHITNTSLNLFHDDIHHVRKSMEVNFLSYVVLTVAALPMLKQSNG
SIVVVSSLAGKVAYPMVAAYSASKFALDGFFSSIRKEYSVSRVNVSITLCVLGLIDTETAMKAVSGIVHMQAAPKEECAL
EIIKGGALRQEEVYYDSSLWTTLLIRNPCRKILEFLYSTSYGS
;
_entity_poly.pdbx_strand_id   A,B,C,D
#
# COMPACT_ATOMS: atom_id res chain seq x y z
N GLU A 23 -41.64 -0.79 34.64
CA GLU A 23 -42.19 -1.98 33.91
C GLU A 23 -42.93 -1.53 32.64
N PHE A 24 -42.40 -1.93 31.48
CA PHE A 24 -42.99 -1.55 30.21
C PHE A 24 -44.37 -2.17 30.02
N ARG A 25 -45.27 -1.42 29.38
CA ARG A 25 -46.47 -2.01 28.77
C ARG A 25 -46.72 -1.36 27.42
N PRO A 26 -47.19 -2.15 26.43
CA PRO A 26 -47.56 -1.67 25.10
C PRO A 26 -48.37 -0.37 25.03
N GLU A 27 -49.25 -0.13 25.98
CA GLU A 27 -50.12 1.07 25.94
C GLU A 27 -49.32 2.37 26.02
N MET A 28 -48.09 2.24 26.50
CA MET A 28 -47.14 3.35 26.55
C MET A 28 -46.91 3.95 25.18
N LEU A 29 -46.93 3.12 24.14
CA LEU A 29 -46.76 3.59 22.76
C LEU A 29 -48.07 3.97 22.06
N GLN A 30 -49.20 3.73 22.70
CA GLN A 30 -50.48 3.91 22.02
C GLN A 30 -50.73 5.41 21.74
N GLY A 31 -51.02 5.74 20.48
CA GLY A 31 -51.23 7.12 20.05
C GLY A 31 -49.98 7.99 20.06
N LYS A 32 -48.82 7.39 20.31
CA LYS A 32 -47.54 8.08 20.25
C LYS A 32 -47.09 8.26 18.80
N LYS A 33 -46.39 9.36 18.56
CA LYS A 33 -46.01 9.77 17.21
C LYS A 33 -44.53 9.46 17.02
N VAL A 34 -44.22 8.39 16.30
CA VAL A 34 -42.84 7.90 16.21
C VAL A 34 -42.25 8.03 14.82
N ILE A 35 -41.02 8.52 14.72
CA ILE A 35 -40.20 8.39 13.51
C ILE A 35 -39.21 7.22 13.68
N VAL A 36 -39.18 6.34 12.67
CA VAL A 36 -38.18 5.29 12.61
C VAL A 36 -37.41 5.45 11.31
N THR A 37 -36.08 5.59 11.37
CA THR A 37 -35.26 5.71 10.16
C THR A 37 -34.64 4.36 9.83
N GLY A 38 -34.18 4.21 8.59
CA GLY A 38 -33.66 2.92 8.14
C GLY A 38 -34.67 1.82 8.41
N ALA A 39 -35.91 2.06 7.96
CA ALA A 39 -37.07 1.21 8.31
C ALA A 39 -37.70 0.41 7.16
N SER A 40 -37.05 0.37 6.00
CA SER A 40 -37.49 -0.49 4.90
C SER A 40 -37.16 -1.95 5.15
N LYS A 41 -36.19 -2.23 6.03
CA LYS A 41 -35.77 -3.61 6.32
C LYS A 41 -35.05 -3.77 7.66
N GLY A 42 -34.74 -5.01 8.01
CA GLY A 42 -33.97 -5.33 9.20
C GLY A 42 -34.66 -4.85 10.46
N ILE A 43 -33.86 -4.37 11.38
CA ILE A 43 -34.31 -3.94 12.70
C ILE A 43 -35.33 -2.81 12.61
N GLY A 44 -35.08 -1.87 11.70
CA GLY A 44 -35.99 -0.74 11.50
C GLY A 44 -37.42 -1.12 11.17
N ARG A 45 -37.58 -2.05 10.26
CA ARG A 45 -38.92 -2.50 9.86
C ARG A 45 -39.63 -3.28 11.01
N GLU A 46 -38.92 -4.17 11.70
CA GLU A 46 -39.44 -4.83 12.92
C GLU A 46 -39.93 -3.81 13.93
N MET A 47 -39.16 -2.73 14.08
CA MET A 47 -39.53 -1.67 15.02
C MET A 47 -40.86 -1.01 14.64
N ALA A 48 -41.00 -0.67 13.37
CA ALA A 48 -42.21 -0.07 12.85
C ALA A 48 -43.44 -0.99 13.06
N TYR A 49 -43.26 -2.25 12.70
CA TYR A 49 -44.29 -3.27 12.92
C TYR A 49 -44.69 -3.40 14.39
N HIS A 50 -43.71 -3.36 15.30
CA HIS A 50 -44.00 -3.37 16.75
C HIS A 50 -44.83 -2.14 17.17
N LEU A 51 -44.40 -0.97 16.74
CA LEU A 51 -45.10 0.29 17.01
C LEU A 51 -46.54 0.27 16.50
N ALA A 52 -46.73 -0.27 15.29
CA ALA A 52 -48.05 -0.42 14.70
C ALA A 52 -48.96 -1.30 15.55
N LYS A 53 -48.48 -2.50 15.85
CA LYS A 53 -49.17 -3.44 16.74
C LYS A 53 -49.55 -2.78 18.08
N MET A 54 -48.77 -1.78 18.51
CA MET A 54 -49.03 -1.07 19.76
C MET A 54 -49.96 0.14 19.65
N GLY A 55 -50.21 0.59 18.42
CA GLY A 55 -51.16 1.67 18.16
C GLY A 55 -50.50 3.04 18.10
N ALA A 56 -49.20 3.08 17.82
CA ALA A 56 -48.52 4.34 17.59
C ALA A 56 -48.88 4.87 16.20
N HIS A 57 -48.60 6.14 15.96
CA HIS A 57 -48.45 6.66 14.59
C HIS A 57 -47.02 6.46 14.21
N VAL A 58 -46.77 6.25 12.93
CA VAL A 58 -45.42 6.03 12.45
C VAL A 58 -45.14 6.78 11.16
N VAL A 59 -43.96 7.36 11.08
CA VAL A 59 -43.43 7.85 9.83
C VAL A 59 -42.09 7.15 9.61
N VAL A 60 -42.01 6.36 8.53
CA VAL A 60 -40.84 5.55 8.24
C VAL A 60 -40.09 6.20 7.08
N THR A 61 -38.78 5.99 7.02
CA THR A 61 -38.00 6.43 5.89
C THR A 61 -36.83 5.50 5.67
N ALA A 62 -36.33 5.56 4.43
CA ALA A 62 -35.18 4.80 3.86
C ALA A 62 -35.14 5.37 2.45
N ARG A 63 -34.30 4.84 1.58
CA ARG A 63 -34.23 5.38 0.22
C ARG A 63 -35.30 4.79 -0.70
N SER A 64 -35.82 3.62 -0.36
CA SER A 64 -36.56 2.79 -1.30
C SER A 64 -38.07 2.90 -1.14
N LYS A 65 -38.70 3.59 -2.10
CA LYS A 65 -40.15 3.85 -2.06
C LYS A 65 -41.02 2.59 -1.96
N GLU A 66 -40.82 1.64 -2.86
CA GLU A 66 -41.77 0.52 -2.96
C GLU A 66 -41.79 -0.30 -1.68
N THR A 67 -40.61 -0.50 -1.10
CA THR A 67 -40.45 -1.30 0.10
C THR A 67 -41.01 -0.56 1.31
N LEU A 68 -40.79 0.75 1.37
CA LEU A 68 -41.43 1.56 2.41
C LEU A 68 -42.96 1.46 2.32
N GLN A 69 -43.51 1.45 1.11
CA GLN A 69 -44.94 1.28 0.99
C GLN A 69 -45.42 -0.07 1.54
N LYS A 70 -44.68 -1.15 1.26
CA LYS A 70 -44.93 -2.48 1.87
C LYS A 70 -45.01 -2.43 3.41
N VAL A 71 -44.01 -1.79 4.04
CA VAL A 71 -44.01 -1.61 5.50
C VAL A 71 -45.23 -0.78 5.95
N VAL A 72 -45.53 0.29 5.22
CA VAL A 72 -46.64 1.14 5.62
C VAL A 72 -47.96 0.35 5.65
N SER A 73 -48.30 -0.33 4.55
CA SER A 73 -49.57 -1.03 4.45
C SER A 73 -49.68 -2.17 5.47
N HIS A 74 -48.58 -2.86 5.71
CA HIS A 74 -48.56 -3.85 6.77
C HIS A 74 -48.75 -3.20 8.14
N CYS A 75 -48.13 -2.05 8.36
CA CYS A 75 -48.31 -1.32 9.62
C CYS A 75 -49.79 -0.99 9.88
N LEU A 76 -50.48 -0.46 8.86
CA LEU A 76 -51.91 -0.22 8.91
C LEU A 76 -52.70 -1.49 9.25
N GLU A 77 -52.41 -2.57 8.52
CA GLU A 77 -52.93 -3.91 8.82
C GLU A 77 -52.75 -4.33 10.27
N LEU A 78 -51.56 -4.03 10.84
CA LEU A 78 -51.26 -4.37 12.24
C LEU A 78 -51.95 -3.40 13.22
N GLY A 79 -52.47 -2.30 12.69
CA GLY A 79 -53.29 -1.38 13.46
C GLY A 79 -52.60 -0.09 13.91
N ALA A 80 -51.58 0.35 13.16
CA ALA A 80 -50.99 1.67 13.39
C ALA A 80 -52.08 2.73 13.40
N ALA A 81 -52.06 3.61 14.40
CA ALA A 81 -52.97 4.75 14.42
C ALA A 81 -52.87 5.49 13.08
N SER A 82 -51.65 5.71 12.61
CA SER A 82 -51.43 6.09 11.21
C SER A 82 -50.02 5.75 10.78
N ALA A 83 -49.80 5.73 9.48
CA ALA A 83 -48.51 5.26 8.97
C ALA A 83 -48.22 5.88 7.61
N HIS A 84 -47.05 6.50 7.50
CA HIS A 84 -46.66 7.16 6.28
C HIS A 84 -45.19 6.90 6.06
N TYR A 85 -44.77 6.97 4.81
CA TYR A 85 -43.33 6.94 4.50
C TYR A 85 -42.95 8.21 3.79
N ILE A 86 -41.66 8.54 3.84
CA ILE A 86 -41.07 9.58 3.01
C ILE A 86 -39.69 9.10 2.63
N ALA A 87 -39.45 8.95 1.33
CA ALA A 87 -38.22 8.27 0.88
C ALA A 87 -37.17 9.32 0.60
N GLY A 88 -35.91 8.98 0.93
CA GLY A 88 -34.76 9.82 0.66
C GLY A 88 -33.51 9.26 1.28
N THR A 89 -32.36 9.80 0.85
CA THR A 89 -31.05 9.41 1.41
C THR A 89 -30.53 10.33 2.49
N MET A 90 -29.98 9.71 3.53
CA MET A 90 -29.45 10.44 4.71
C MET A 90 -28.01 10.99 4.51
N GLU A 91 -27.50 10.84 3.29
CA GLU A 91 -26.35 11.58 2.79
C GLU A 91 -26.69 13.05 2.57
N ASP A 92 -27.93 13.30 2.18
CA ASP A 92 -28.41 14.63 1.88
C ASP A 92 -28.90 15.23 3.20
N MET A 93 -28.15 16.18 3.75
CA MET A 93 -28.52 16.78 5.03
C MET A 93 -29.79 17.65 4.92
N THR A 94 -30.01 18.19 3.73
CA THR A 94 -31.21 18.95 3.48
C THR A 94 -32.43 18.03 3.56
N PHE A 95 -32.35 16.83 2.96
CA PHE A 95 -33.42 15.85 3.10
C PHE A 95 -33.67 15.53 4.58
N ALA A 96 -32.61 15.40 5.35
CA ALA A 96 -32.74 15.07 6.78
C ALA A 96 -33.62 16.11 7.52
N GLU A 97 -33.24 17.38 7.41
CA GLU A 97 -33.98 18.46 8.05
C GLU A 97 -35.44 18.45 7.63
N GLN A 98 -35.62 18.49 6.31
CA GLN A 98 -36.93 18.55 5.72
C GLN A 98 -37.79 17.37 6.12
N PHE A 99 -37.20 16.18 6.04
CA PHE A 99 -37.90 14.97 6.42
C PHE A 99 -38.59 15.11 7.80
N VAL A 100 -37.85 15.63 8.78
CA VAL A 100 -38.38 15.76 10.13
C VAL A 100 -39.55 16.75 10.12
N ALA A 101 -39.34 17.93 9.54
CA ALA A 101 -40.38 18.93 9.50
C ALA A 101 -41.64 18.26 8.94
N GLN A 102 -41.51 17.57 7.80
CA GLN A 102 -42.65 16.97 7.10
C GLN A 102 -43.30 15.80 7.86
N ALA A 103 -42.49 15.02 8.61
CA ALA A 103 -43.00 13.90 9.43
C ALA A 103 -43.89 14.38 10.58
N GLY A 104 -43.36 15.35 11.33
CA GLY A 104 -44.06 15.91 12.47
C GLY A 104 -45.36 16.52 12.00
N LYS A 105 -45.36 17.04 10.78
CA LYS A 105 -46.56 17.60 10.20
C LYS A 105 -47.58 16.49 9.93
N LEU A 106 -47.17 15.41 9.27
CA LEU A 106 -48.10 14.30 9.02
C LEU A 106 -48.74 13.80 10.33
N MET A 107 -47.95 13.75 11.40
CA MET A 107 -48.45 13.25 12.68
C MET A 107 -48.99 14.35 13.60
N GLY A 108 -48.74 15.62 13.26
CA GLY A 108 -49.04 16.74 14.15
C GLY A 108 -48.32 16.58 15.47
N GLY A 109 -46.99 16.47 15.41
CA GLY A 109 -46.19 16.28 16.61
C GLY A 109 -45.21 15.15 16.52
N LEU A 110 -44.44 14.97 17.60
CA LEU A 110 -43.38 13.98 17.65
C LEU A 110 -43.00 13.68 19.09
N ASP A 111 -43.12 12.39 19.44
CA ASP A 111 -42.83 11.87 20.79
C ASP A 111 -41.54 11.06 20.84
N MET A 112 -41.20 10.40 19.72
CA MET A 112 -39.99 9.54 19.69
C MET A 112 -39.27 9.53 18.32
N LEU A 113 -37.99 9.88 18.33
CA LEU A 113 -37.11 9.85 17.16
C LEU A 113 -36.16 8.64 17.26
N ILE A 114 -36.35 7.65 16.38
CA ILE A 114 -35.51 6.43 16.36
C ILE A 114 -34.57 6.55 15.17
N LEU A 115 -33.30 6.75 15.48
CA LEU A 115 -32.22 6.91 14.51
C LEU A 115 -31.51 5.58 14.43
N ASN A 116 -31.71 4.93 13.29
CA ASN A 116 -31.40 3.51 13.10
C ASN A 116 -30.61 3.21 11.82
N HIS A 117 -30.74 4.09 10.82
CA HIS A 117 -30.17 3.90 9.48
C HIS A 117 -28.65 3.94 9.52
N ILE A 118 -28.09 3.41 8.44
CA ILE A 118 -26.65 3.19 8.35
C ILE A 118 -26.29 3.10 6.87
N THR A 119 -25.12 3.59 6.51
CA THR A 119 -24.67 3.48 5.12
C THR A 119 -24.11 2.08 4.90
N ASN A 120 -24.18 1.59 3.67
CA ASN A 120 -23.70 0.25 3.33
C ASN A 120 -22.19 0.08 3.59
N THR A 121 -21.86 -0.99 4.30
CA THR A 121 -20.56 -1.25 4.88
C THR A 121 -20.28 -2.76 4.81
N SER A 122 -19.09 -3.15 4.38
CA SER A 122 -18.70 -4.56 4.47
C SER A 122 -17.34 -4.70 5.13
N LEU A 123 -16.99 -5.93 5.49
CA LEU A 123 -15.73 -6.19 6.13
C LEU A 123 -14.63 -5.95 5.14
N ASN A 124 -13.86 -4.88 5.39
CA ASN A 124 -12.65 -4.57 4.63
C ASN A 124 -11.56 -4.03 5.53
N LEU A 125 -10.32 -4.42 5.24
CA LEU A 125 -9.14 -3.82 5.84
C LEU A 125 -9.01 -2.38 5.39
N PHE A 126 -8.62 -1.50 6.30
CA PHE A 126 -8.36 -0.10 5.94
C PHE A 126 -7.04 0.13 5.19
N HIS A 127 -7.15 0.74 4.03
CA HIS A 127 -5.94 1.14 3.31
C HIS A 127 -5.98 2.60 2.97
N ASP A 128 -6.83 3.01 2.03
CA ASP A 128 -6.79 4.41 1.59
C ASP A 128 -8.16 4.98 1.28
N ASP A 129 -9.21 4.37 1.80
CA ASP A 129 -10.57 4.73 1.37
C ASP A 129 -11.11 5.78 2.31
N ILE A 130 -10.59 6.99 2.12
CA ILE A 130 -11.04 8.17 2.87
C ILE A 130 -12.48 8.49 2.54
N HIS A 131 -12.86 8.20 1.30
CA HIS A 131 -14.23 8.37 0.82
C HIS A 131 -15.20 7.57 1.66
N HIS A 132 -14.86 6.32 1.91
CA HIS A 132 -15.71 5.49 2.75
C HIS A 132 -15.74 6.04 4.16
N VAL A 133 -14.60 6.53 4.64
CA VAL A 133 -14.54 7.08 6.00
C VAL A 133 -15.43 8.35 6.17
N ARG A 134 -15.37 9.23 5.17
CA ARG A 134 -16.17 10.45 5.25
C ARG A 134 -17.65 10.12 5.10
N LYS A 135 -17.98 9.16 4.24
CA LYS A 135 -19.40 8.82 4.00
C LYS A 135 -19.99 8.11 5.18
N SER A 136 -19.22 7.21 5.80
CA SER A 136 -19.65 6.61 7.08
C SER A 136 -19.97 7.66 8.13
N MET A 137 -19.11 8.64 8.27
CA MET A 137 -19.30 9.68 9.27
C MET A 137 -20.52 10.55 8.95
N GLU A 138 -20.76 10.78 7.66
CA GLU A 138 -21.84 11.61 7.20
C GLU A 138 -23.16 10.94 7.45
N VAL A 139 -23.29 9.70 7.00
CA VAL A 139 -24.56 8.99 7.08
C VAL A 139 -24.84 8.46 8.47
N ASN A 140 -23.88 7.79 9.07
CA ASN A 140 -24.05 7.11 10.33
C ASN A 140 -24.03 8.02 11.54
N PHE A 141 -23.46 9.21 11.39
CA PHE A 141 -23.30 10.13 12.49
C PHE A 141 -23.80 11.54 12.22
N LEU A 142 -23.27 12.22 11.21
CA LEU A 142 -23.67 13.62 10.98
C LEU A 142 -25.18 13.72 10.79
N SER A 143 -25.78 12.87 9.97
CA SER A 143 -27.21 12.95 9.70
C SER A 143 -28.00 12.77 10.99
N TYR A 144 -27.51 11.95 11.92
CA TYR A 144 -28.19 11.79 13.22
C TYR A 144 -28.27 13.10 14.00
N VAL A 145 -27.22 13.94 13.89
CA VAL A 145 -27.14 15.23 14.57
C VAL A 145 -28.18 16.17 13.94
N VAL A 146 -28.20 16.23 12.61
CA VAL A 146 -29.15 17.09 11.85
C VAL A 146 -30.62 16.72 12.16
N LEU A 147 -30.93 15.44 12.07
CA LEU A 147 -32.25 14.93 12.48
C LEU A 147 -32.60 15.30 13.94
N THR A 148 -31.63 15.26 14.82
CA THR A 148 -31.86 15.58 16.20
C THR A 148 -32.16 17.07 16.35
N VAL A 149 -31.32 17.89 15.74
CA VAL A 149 -31.51 19.34 15.79
C VAL A 149 -32.92 19.73 15.25
N ALA A 150 -33.31 19.13 14.12
CA ALA A 150 -34.64 19.39 13.57
C ALA A 150 -35.79 18.93 14.48
N ALA A 151 -35.60 17.81 15.16
CA ALA A 151 -36.64 17.15 15.94
C ALA A 151 -36.78 17.74 17.34
N LEU A 152 -35.77 18.51 17.73
CA LEU A 152 -35.67 18.90 19.12
C LEU A 152 -36.81 19.79 19.61
N PRO A 153 -37.19 20.82 18.83
CA PRO A 153 -38.40 21.59 19.21
C PRO A 153 -39.67 20.77 19.48
N MET A 154 -40.04 19.83 18.60
CA MET A 154 -41.17 18.94 18.86
C MET A 154 -40.96 18.00 20.04
N LEU A 155 -39.75 17.46 20.18
CA LEU A 155 -39.47 16.57 21.31
C LEU A 155 -39.54 17.36 22.64
N LYS A 156 -39.17 18.61 22.61
CA LYS A 156 -39.16 19.39 23.82
C LYS A 156 -40.61 19.55 24.33
N GLN A 157 -41.52 19.82 23.40
CA GLN A 157 -42.89 20.13 23.75
C GLN A 157 -43.64 18.86 24.16
N SER A 158 -43.21 17.69 23.67
CA SER A 158 -43.86 16.45 24.05
C SER A 158 -43.13 15.72 25.16
N ASN A 159 -42.06 16.31 25.69
CA ASN A 159 -41.16 15.64 26.67
C ASN A 159 -40.69 14.29 26.15
N GLY A 160 -40.28 14.26 24.89
CA GLY A 160 -40.13 13.05 24.14
C GLY A 160 -38.78 12.40 24.31
N SER A 161 -38.44 11.56 23.35
CA SER A 161 -37.38 10.61 23.51
C SER A 161 -36.59 10.45 22.24
N ILE A 162 -35.28 10.34 22.39
CA ILE A 162 -34.39 10.02 21.30
C ILE A 162 -33.75 8.64 21.55
N VAL A 163 -33.83 7.83 20.50
CA VAL A 163 -33.23 6.49 20.46
C VAL A 163 -32.19 6.50 19.37
N VAL A 164 -30.93 6.22 19.76
CA VAL A 164 -29.83 6.13 18.85
C VAL A 164 -29.31 4.69 18.87
N VAL A 165 -29.30 4.09 17.69
CA VAL A 165 -28.93 2.71 17.51
C VAL A 165 -27.45 2.62 17.17
N SER A 166 -26.70 1.93 18.02
CA SER A 166 -25.26 1.73 17.84
C SER A 166 -24.94 0.23 17.87
N SER A 167 -23.72 -0.10 18.27
CA SER A 167 -23.18 -1.41 18.01
C SER A 167 -22.16 -1.65 19.09
N LEU A 168 -21.93 -2.92 19.36
CA LEU A 168 -20.85 -3.28 20.25
C LEU A 168 -19.51 -2.68 19.71
N ALA A 169 -19.40 -2.58 18.39
CA ALA A 169 -18.18 -2.04 17.74
C ALA A 169 -18.17 -0.51 17.82
N GLY A 170 -19.21 0.08 18.43
CA GLY A 170 -19.21 1.50 18.84
C GLY A 170 -18.81 1.73 20.30
N LYS A 171 -18.46 0.63 20.97
CA LYS A 171 -17.97 0.61 22.34
C LYS A 171 -16.62 -0.06 22.48
N VAL A 172 -16.38 -1.04 21.64
CA VAL A 172 -15.13 -1.84 21.55
C VAL A 172 -14.68 -1.85 20.10
N ALA A 173 -13.41 -1.70 19.83
CA ALA A 173 -13.02 -1.62 18.42
C ALA A 173 -12.69 -3.04 17.86
N TYR A 174 -13.04 -3.20 16.59
CA TYR A 174 -12.92 -4.43 15.91
C TYR A 174 -12.16 -4.12 14.66
N PRO A 175 -11.37 -5.09 14.18
CA PRO A 175 -10.76 -4.92 12.89
C PRO A 175 -11.75 -5.08 11.77
N MET A 176 -11.40 -4.51 10.62
CA MET A 176 -12.12 -4.62 9.36
C MET A 176 -13.35 -3.75 9.27
N VAL A 177 -13.57 -2.92 10.29
CA VAL A 177 -14.71 -1.99 10.35
C VAL A 177 -14.29 -0.66 10.96
N ALA A 178 -13.06 -0.21 10.64
CA ALA A 178 -12.52 1.02 11.26
C ALA A 178 -13.39 2.27 11.09
N ALA A 179 -13.81 2.55 9.85
CA ALA A 179 -14.67 3.70 9.54
C ALA A 179 -16.03 3.65 10.22
N TYR A 180 -16.61 2.45 10.21
CA TYR A 180 -17.86 2.17 10.92
C TYR A 180 -17.75 2.43 12.42
N SER A 181 -16.70 1.89 13.03
CA SER A 181 -16.45 2.08 14.48
C SER A 181 -16.23 3.50 14.83
N ALA A 182 -15.46 4.20 14.01
CA ALA A 182 -15.29 5.64 14.19
C ALA A 182 -16.63 6.36 14.26
N SER A 183 -17.53 6.05 13.34
CA SER A 183 -18.82 6.72 13.30
C SER A 183 -19.72 6.38 14.52
N LYS A 184 -19.69 5.12 14.98
CA LYS A 184 -20.52 4.66 16.07
C LYS A 184 -19.96 5.13 17.35
N PHE A 185 -18.63 5.17 17.47
CA PHE A 185 -17.97 5.84 18.63
C PHE A 185 -18.37 7.33 18.70
N ALA A 186 -18.35 7.99 17.55
CA ALA A 186 -18.69 9.38 17.49
C ALA A 186 -20.07 9.65 18.07
N LEU A 187 -21.01 8.73 17.76
CA LEU A 187 -22.37 8.76 18.32
C LEU A 187 -22.39 8.72 19.85
N ASP A 188 -21.60 7.79 20.40
CA ASP A 188 -21.50 7.70 21.84
C ASP A 188 -20.98 9.04 22.40
N GLY A 189 -19.87 9.54 21.81
CA GLY A 189 -19.24 10.79 22.20
C GLY A 189 -20.22 11.96 22.24
N PHE A 190 -20.98 12.12 21.18
CA PHE A 190 -21.86 13.26 20.99
C PHE A 190 -23.11 13.24 21.87
N PHE A 191 -23.84 12.14 21.74
CA PHE A 191 -25.12 11.96 22.37
C PHE A 191 -25.02 11.80 23.88
N SER A 192 -24.01 11.10 24.37
CA SER A 192 -23.84 11.05 25.84
C SER A 192 -23.51 12.41 26.40
N SER A 193 -22.78 13.22 25.62
CA SER A 193 -22.43 14.55 26.03
C SER A 193 -23.68 15.43 26.08
N ILE A 194 -24.46 15.46 25.01
CA ILE A 194 -25.68 16.29 25.02
C ILE A 194 -26.69 15.78 26.07
N ARG A 195 -26.58 14.51 26.47
CA ARG A 195 -27.43 14.01 27.53
C ARG A 195 -27.09 14.65 28.86
N LYS A 196 -25.81 14.86 29.13
CA LYS A 196 -25.38 15.61 30.33
C LYS A 196 -25.82 17.09 30.22
N GLU A 197 -25.71 17.67 29.02
CA GLU A 197 -26.22 19.02 28.79
C GLU A 197 -27.73 19.17 28.99
N TYR A 198 -28.54 18.27 28.42
CA TYR A 198 -29.99 18.31 28.62
C TYR A 198 -30.32 18.16 30.09
N SER A 199 -29.57 17.29 30.77
CA SER A 199 -29.68 17.18 32.23
C SER A 199 -29.43 18.54 32.95
N VAL A 200 -28.28 19.19 32.75
CA VAL A 200 -28.00 20.48 33.46
C VAL A 200 -28.90 21.63 33.00
N SER A 201 -29.40 21.57 31.76
CA SER A 201 -30.18 22.65 31.20
C SER A 201 -31.67 22.41 31.39
N ARG A 202 -32.02 21.34 32.12
CA ARG A 202 -33.41 21.04 32.51
C ARG A 202 -34.28 20.78 31.25
N VAL A 203 -33.71 20.09 30.25
CA VAL A 203 -34.44 19.77 29.03
C VAL A 203 -34.96 18.38 29.23
N ASN A 204 -36.28 18.21 29.10
CA ASN A 204 -36.93 16.95 29.44
C ASN A 204 -37.11 16.04 28.24
N VAL A 205 -35.97 15.71 27.64
CA VAL A 205 -35.88 14.89 26.43
C VAL A 205 -34.84 13.77 26.63
N SER A 206 -35.28 12.53 26.54
CA SER A 206 -34.47 11.41 26.93
C SER A 206 -33.62 10.97 25.75
N ILE A 207 -32.49 10.38 26.07
CA ILE A 207 -31.55 9.88 25.05
C ILE A 207 -31.14 8.46 25.45
N THR A 208 -31.57 7.54 24.61
CA THR A 208 -31.26 6.11 24.79
C THR A 208 -30.28 5.65 23.71
N LEU A 209 -29.10 5.19 24.15
CA LEU A 209 -28.11 4.60 23.28
C LEU A 209 -28.20 3.09 23.33
N CYS A 210 -28.36 2.46 22.16
CA CYS A 210 -28.47 1.02 22.03
C CYS A 210 -27.19 0.36 21.52
N VAL A 211 -26.62 -0.52 22.33
CA VAL A 211 -25.45 -1.29 21.93
C VAL A 211 -25.94 -2.66 21.58
N LEU A 212 -25.88 -2.97 20.29
CA LEU A 212 -26.31 -4.25 19.79
C LEU A 212 -25.10 -5.15 19.49
N GLY A 213 -25.23 -6.43 19.81
CA GLY A 213 -24.41 -7.47 19.20
C GLY A 213 -24.90 -7.88 17.81
N LEU A 214 -24.63 -9.12 17.43
CA LEU A 214 -24.98 -9.64 16.12
C LEU A 214 -26.48 -9.96 16.11
N ILE A 215 -27.17 -9.29 15.19
CA ILE A 215 -28.58 -9.46 15.03
C ILE A 215 -28.78 -10.07 13.64
N ASP A 216 -29.71 -11.01 13.52
CA ASP A 216 -29.87 -11.83 12.31
C ASP A 216 -30.56 -11.18 11.11
N THR A 217 -30.28 -9.90 10.85
CA THR A 217 -30.73 -9.24 9.62
C THR A 217 -29.92 -9.78 8.46
N GLU A 218 -30.48 -9.67 7.26
CA GLU A 218 -29.84 -10.23 6.09
C GLU A 218 -28.49 -9.56 5.91
N THR A 219 -28.48 -8.24 6.03
CA THR A 219 -27.24 -7.47 5.89
C THR A 219 -26.16 -8.02 6.79
N ALA A 220 -26.44 -8.15 8.09
CA ALA A 220 -25.42 -8.59 9.07
C ALA A 220 -24.98 -10.04 8.83
N MET A 221 -25.95 -10.92 8.51
CA MET A 221 -25.64 -12.33 8.24
C MET A 221 -24.83 -12.52 6.96
N LYS A 222 -25.08 -11.72 5.93
CA LYS A 222 -24.24 -11.76 4.74
C LYS A 222 -22.79 -11.41 5.11
N ALA A 223 -22.65 -10.38 5.92
CA ALA A 223 -21.36 -9.85 6.38
C ALA A 223 -20.52 -10.85 7.18
N VAL A 224 -21.18 -11.66 7.99
CA VAL A 224 -20.47 -12.54 8.93
C VAL A 224 -20.39 -14.00 8.51
N SER A 225 -20.85 -14.32 7.31
CA SER A 225 -20.80 -15.71 6.84
C SER A 225 -19.39 -16.30 6.90
N GLY A 226 -18.37 -15.44 6.87
CA GLY A 226 -16.98 -15.86 6.82
C GLY A 226 -16.28 -16.01 8.17
N ILE A 227 -16.93 -15.56 9.26
CA ILE A 227 -16.33 -15.60 10.61
C ILE A 227 -17.03 -16.54 11.59
N VAL A 228 -16.27 -17.00 12.58
CA VAL A 228 -16.80 -17.70 13.74
C VAL A 228 -17.50 -16.66 14.65
N HIS A 229 -18.78 -16.89 14.92
CA HIS A 229 -19.57 -16.05 15.81
C HIS A 229 -20.60 -16.92 16.58
N MET A 230 -21.13 -16.38 17.67
CA MET A 230 -22.21 -17.06 18.37
C MET A 230 -23.54 -16.83 17.65
N GLN A 231 -24.55 -17.60 18.01
CA GLN A 231 -25.89 -17.39 17.47
C GLN A 231 -26.31 -15.93 17.35
N ALA A 232 -26.65 -15.48 16.14
CA ALA A 232 -27.25 -14.15 15.98
C ALA A 232 -28.57 -14.08 16.70
N ALA A 233 -28.85 -12.90 17.27
CA ALA A 233 -30.08 -12.68 18.03
C ALA A 233 -31.21 -12.33 17.09
N PRO A 234 -32.44 -12.77 17.37
CA PRO A 234 -33.60 -12.43 16.52
C PRO A 234 -33.93 -10.93 16.42
N LYS A 235 -34.04 -10.45 15.19
CA LYS A 235 -34.28 -9.02 14.91
C LYS A 235 -35.63 -8.52 15.45
N GLU A 236 -36.61 -9.42 15.50
CA GLU A 236 -37.92 -9.09 16.07
C GLU A 236 -37.80 -8.70 17.52
N GLU A 237 -37.14 -9.54 18.31
CA GLU A 237 -36.94 -9.25 19.71
C GLU A 237 -36.00 -8.03 19.88
N CYS A 238 -34.91 -8.00 19.13
CA CYS A 238 -34.03 -6.83 19.22
C CYS A 238 -34.85 -5.52 19.14
N ALA A 239 -35.61 -5.39 18.05
CA ALA A 239 -36.51 -4.27 17.79
C ALA A 239 -37.41 -3.94 18.99
N LEU A 240 -37.96 -4.98 19.58
CA LEU A 240 -38.82 -4.81 20.75
C LEU A 240 -38.04 -4.23 21.91
N GLU A 241 -36.83 -4.72 22.17
CA GLU A 241 -36.10 -4.24 23.36
C GLU A 241 -35.62 -2.78 23.22
N ILE A 242 -35.39 -2.38 21.98
CA ILE A 242 -35.06 -1.00 21.67
C ILE A 242 -36.21 -0.11 22.05
N ILE A 243 -37.37 -0.43 21.50
CA ILE A 243 -38.59 0.32 21.75
C ILE A 243 -38.84 0.45 23.26
N LYS A 244 -38.74 -0.66 23.97
CA LYS A 244 -38.97 -0.72 25.40
C LYS A 244 -38.03 0.25 26.13
N GLY A 245 -36.74 0.12 25.83
CA GLY A 245 -35.73 1.01 26.37
C GLY A 245 -36.04 2.47 26.16
N GLY A 246 -36.39 2.87 24.94
CA GLY A 246 -36.72 4.26 24.67
C GLY A 246 -37.94 4.72 25.43
N ALA A 247 -38.96 3.86 25.45
CA ALA A 247 -40.24 4.16 26.13
C ALA A 247 -39.99 4.43 27.59
N LEU A 248 -39.23 3.54 28.20
CA LEU A 248 -38.81 3.69 29.59
C LEU A 248 -37.70 4.74 29.80
N ARG A 249 -37.27 5.45 28.77
CA ARG A 249 -36.24 6.49 28.96
C ARG A 249 -34.92 6.00 29.60
N GLN A 250 -34.53 4.76 29.30
CA GLN A 250 -33.25 4.24 29.77
C GLN A 250 -32.12 4.87 28.96
N GLU A 251 -31.01 5.20 29.61
CA GLU A 251 -29.91 5.84 28.92
C GLU A 251 -29.26 4.90 27.92
N GLU A 252 -29.17 3.62 28.25
CA GLU A 252 -28.53 2.66 27.38
C GLU A 252 -29.25 1.33 27.40
N VAL A 253 -29.37 0.71 26.23
CA VAL A 253 -29.98 -0.59 26.07
C VAL A 253 -28.91 -1.53 25.53
N TYR A 254 -28.84 -2.75 26.07
CA TYR A 254 -27.93 -3.80 25.60
C TYR A 254 -28.70 -4.98 25.04
N TYR A 255 -28.48 -5.31 23.79
CA TYR A 255 -29.14 -6.45 23.20
C TYR A 255 -28.21 -7.24 22.25
N ASP A 256 -28.05 -8.55 22.44
CA ASP A 256 -28.75 -9.34 23.44
C ASP A 256 -28.30 -8.95 24.83
N SER A 257 -29.04 -9.42 25.84
CA SER A 257 -28.89 -8.94 27.19
C SER A 257 -27.53 -9.29 27.78
N SER A 258 -27.03 -10.51 27.46
CA SER A 258 -25.69 -11.00 27.88
C SER A 258 -24.47 -10.12 27.48
N LEU A 259 -24.70 -9.06 26.69
CA LEU A 259 -23.70 -8.01 26.46
C LEU A 259 -23.51 -7.20 27.72
N TRP A 260 -24.60 -6.96 28.47
CA TRP A 260 -24.59 -6.04 29.63
C TRP A 260 -23.46 -6.44 30.57
N THR A 261 -23.31 -7.75 30.76
CA THR A 261 -22.21 -8.32 31.53
C THR A 261 -20.83 -8.12 30.83
N THR A 262 -20.76 -8.24 29.50
CA THR A 262 -19.51 -7.97 28.78
C THR A 262 -19.00 -6.55 28.97
N LEU A 263 -19.84 -5.59 28.59
CA LEU A 263 -19.43 -4.21 28.58
C LEU A 263 -19.07 -3.64 29.96
N LEU A 264 -19.66 -4.20 31.01
CA LEU A 264 -19.35 -3.81 32.38
C LEU A 264 -18.54 -4.95 33.11
N ILE A 265 -17.52 -5.48 32.40
CA ILE A 265 -16.60 -6.57 32.85
C ILE A 265 -15.99 -7.34 31.66
N PHE B 24 12.60 3.37 28.89
CA PHE B 24 12.88 4.57 28.02
C PHE B 24 14.24 5.23 28.27
N ARG B 25 14.92 5.56 27.17
CA ARG B 25 16.14 6.36 27.20
C ARG B 25 15.99 7.43 26.10
N PRO B 26 16.45 8.66 26.35
CA PRO B 26 16.46 9.70 25.30
C PRO B 26 17.10 9.27 23.96
N GLU B 27 18.08 8.38 24.04
CA GLU B 27 18.85 7.93 22.89
C GLU B 27 17.96 7.25 21.85
N MET B 28 16.80 6.76 22.30
CA MET B 28 15.82 6.18 21.42
C MET B 28 15.31 7.18 20.35
N LEU B 29 15.39 8.48 20.61
CA LEU B 29 14.89 9.48 19.65
C LEU B 29 15.98 10.10 18.80
N GLN B 30 17.23 9.77 19.06
CA GLN B 30 18.36 10.39 18.37
C GLN B 30 18.45 9.96 16.92
N GLY B 31 18.56 10.94 16.02
CA GLY B 31 18.54 10.65 14.59
C GLY B 31 17.20 10.21 14.03
N LYS B 32 16.20 9.95 14.89
CA LYS B 32 14.83 9.62 14.44
C LYS B 32 14.16 10.80 13.76
N LYS B 33 13.29 10.50 12.79
CA LYS B 33 12.64 11.52 11.95
C LYS B 33 11.19 11.66 12.38
N VAL B 34 10.85 12.80 12.97
CA VAL B 34 9.56 12.93 13.58
C VAL B 34 8.78 14.13 13.09
N ILE B 35 7.52 13.86 12.73
CA ILE B 35 6.51 14.92 12.49
C ILE B 35 5.68 15.28 13.74
N VAL B 36 5.52 16.58 14.00
CA VAL B 36 4.63 17.05 15.05
C VAL B 36 3.65 18.08 14.50
N THR B 37 2.36 17.78 14.59
CA THR B 37 1.35 18.71 14.15
C THR B 37 0.87 19.53 15.34
N GLY B 38 0.28 20.69 15.05
CA GLY B 38 -0.12 21.63 16.11
C GLY B 38 1.05 21.96 17.04
N ALA B 39 2.20 22.29 16.46
CA ALA B 39 3.46 22.46 17.18
C ALA B 39 3.91 23.91 17.36
N SER B 40 3.04 24.85 17.03
CA SER B 40 3.31 26.29 17.21
C SER B 40 3.21 26.71 18.65
N LYS B 41 2.47 25.93 19.44
CA LYS B 41 2.28 26.20 20.88
C LYS B 41 1.78 24.99 21.67
N GLY B 42 1.58 25.21 22.97
CA GLY B 42 0.96 24.22 23.85
C GLY B 42 1.80 22.97 23.87
N ILE B 43 1.12 21.84 23.96
CA ILE B 43 1.81 20.56 24.11
C ILE B 43 2.69 20.16 22.89
N GLY B 44 2.22 20.47 21.69
CA GLY B 44 2.96 20.19 20.44
C GLY B 44 4.31 20.87 20.35
N ARG B 45 4.37 22.11 20.80
CA ARG B 45 5.62 22.85 20.85
C ARG B 45 6.54 22.21 21.86
N GLU B 46 5.99 21.78 23.00
CA GLU B 46 6.85 21.16 24.01
C GLU B 46 7.41 19.81 23.51
N MET B 47 6.63 19.10 22.71
CA MET B 47 7.10 17.85 22.11
C MET B 47 8.20 18.12 21.11
N ALA B 48 8.00 19.13 20.26
CA ALA B 48 9.04 19.61 19.36
C ALA B 48 10.37 19.91 20.11
N TYR B 49 10.30 20.68 21.18
CA TYR B 49 11.49 20.99 21.99
C TYR B 49 12.15 19.77 22.63
N HIS B 50 11.34 18.86 23.20
CA HIS B 50 11.89 17.62 23.78
C HIS B 50 12.60 16.77 22.73
N LEU B 51 12.02 16.68 21.54
CA LEU B 51 12.60 15.85 20.49
C LEU B 51 13.89 16.49 20.01
N ALA B 52 13.90 17.83 20.01
CA ALA B 52 15.08 18.57 19.64
C ALA B 52 16.21 18.27 20.62
N LYS B 53 15.97 18.42 21.93
CA LYS B 53 16.97 18.10 22.96
C LYS B 53 17.53 16.68 22.78
N MET B 54 16.71 15.76 22.26
CA MET B 54 17.11 14.34 22.05
C MET B 54 17.87 14.11 20.79
N GLY B 55 17.91 15.10 19.92
CA GLY B 55 18.70 15.01 18.70
C GLY B 55 17.90 14.43 17.56
N ALA B 56 16.58 14.51 17.63
CA ALA B 56 15.74 14.08 16.53
C ALA B 56 15.81 15.08 15.36
N HIS B 57 15.45 14.58 14.16
CA HIS B 57 14.98 15.42 13.06
C HIS B 57 13.51 15.69 13.27
N VAL B 58 13.11 16.95 13.13
CA VAL B 58 11.72 17.33 13.31
C VAL B 58 11.18 18.16 12.17
N VAL B 59 9.92 17.93 11.83
CA VAL B 59 9.23 18.83 10.96
C VAL B 59 7.98 19.18 11.70
N VAL B 60 7.78 20.48 11.87
CA VAL B 60 6.64 20.97 12.62
C VAL B 60 5.66 21.68 11.69
N THR B 61 4.40 21.67 12.07
CA THR B 61 3.38 22.32 11.28
C THR B 61 2.31 22.94 12.16
N ALA B 62 1.59 23.90 11.58
CA ALA B 62 0.49 24.66 12.19
C ALA B 62 0.16 25.71 11.14
N ARG B 63 -0.83 26.57 11.39
CA ARG B 63 -1.18 27.61 10.41
C ARG B 63 -0.21 28.81 10.31
N SER B 64 0.44 29.22 11.40
CA SER B 64 1.24 30.44 11.44
CA SER B 64 1.25 30.45 11.38
C SER B 64 2.74 30.20 11.19
N LYS B 65 3.29 30.79 10.14
CA LYS B 65 4.71 30.63 9.82
C LYS B 65 5.63 31.35 10.84
N GLU B 66 5.24 32.55 11.31
CA GLU B 66 6.11 33.28 12.27
C GLU B 66 6.24 32.49 13.57
N THR B 67 5.14 31.95 14.07
CA THR B 67 5.23 31.20 15.32
C THR B 67 6.03 29.89 15.07
N LEU B 68 5.83 29.26 13.92
CA LEU B 68 6.55 28.03 13.60
C LEU B 68 8.05 28.26 13.43
N GLN B 69 8.43 29.42 12.90
CA GLN B 69 9.83 29.74 12.69
C GLN B 69 10.56 29.90 14.02
N LYS B 70 9.85 30.42 15.01
CA LYS B 70 10.41 30.56 16.34
C LYS B 70 10.64 29.20 17.00
N VAL B 71 9.69 28.31 16.80
CA VAL B 71 9.81 26.92 17.28
C VAL B 71 10.99 26.25 16.62
N VAL B 72 11.09 26.34 15.30
CA VAL B 72 12.22 25.78 14.55
C VAL B 72 13.58 26.32 15.08
N SER B 73 13.69 27.65 15.24
CA SER B 73 14.90 28.27 15.78
C SER B 73 15.36 27.69 17.10
N HIS B 74 14.41 27.50 18.01
CA HIS B 74 14.73 27.07 19.38
C HIS B 74 15.07 25.60 19.37
N CYS B 75 14.34 24.81 18.57
CA CYS B 75 14.68 23.36 18.33
C CYS B 75 16.14 23.18 17.90
N LEU B 76 16.60 23.97 16.93
CA LEU B 76 18.01 23.94 16.51
C LEU B 76 18.96 24.26 17.64
N GLU B 77 18.60 25.24 18.47
CA GLU B 77 19.46 25.64 19.59
C GLU B 77 19.48 24.57 20.71
N LEU B 78 18.35 23.88 20.87
CA LEU B 78 18.26 22.73 21.78
C LEU B 78 19.01 21.52 21.28
N GLY B 79 19.34 21.52 20.00
CA GLY B 79 20.23 20.51 19.43
C GLY B 79 19.59 19.47 18.51
N ALA B 80 18.47 19.80 17.88
CA ALA B 80 17.89 18.93 16.82
C ALA B 80 18.91 18.59 15.74
N ALA B 81 18.92 17.35 15.27
CA ALA B 81 19.71 16.99 14.09
C ALA B 81 19.31 17.89 12.92
N SER B 82 18.04 18.23 12.85
CA SER B 82 17.55 19.18 11.86
C SER B 82 16.16 19.59 12.28
N ALA B 83 15.72 20.74 11.78
CA ALA B 83 14.38 21.28 12.09
C ALA B 83 13.84 22.16 10.98
N HIS B 84 12.62 21.85 10.54
CA HIS B 84 11.90 22.69 9.57
C HIS B 84 10.44 22.77 9.97
N TYR B 85 9.77 23.76 9.41
CA TYR B 85 8.35 23.84 9.54
C TYR B 85 7.74 23.88 8.14
N ILE B 86 6.49 23.46 8.08
CA ILE B 86 5.60 23.75 6.96
C ILE B 86 4.27 24.25 7.53
N ALA B 87 3.88 25.44 7.10
CA ALA B 87 2.63 26.07 7.53
C ALA B 87 1.45 25.71 6.63
N GLY B 88 0.27 25.52 7.24
CA GLY B 88 -0.94 25.27 6.49
C GLY B 88 -2.01 24.86 7.48
N THR B 89 -3.24 24.84 6.98
CA THR B 89 -4.39 24.38 7.76
C THR B 89 -4.83 22.96 7.42
N MET B 90 -5.20 22.24 8.46
CA MET B 90 -5.60 20.85 8.36
C MET B 90 -7.08 20.67 8.10
N GLU B 91 -7.79 21.78 7.81
CA GLU B 91 -9.10 21.71 7.16
C GLU B 91 -9.01 21.26 5.69
N ASP B 92 -7.87 21.60 5.07
CA ASP B 92 -7.57 21.30 3.68
C ASP B 92 -6.87 19.96 3.68
N MET B 93 -7.60 18.95 3.23
CA MET B 93 -7.06 17.59 3.14
C MET B 93 -5.96 17.48 2.11
N THR B 94 -5.96 18.36 1.11
CA THR B 94 -4.92 18.42 0.14
C THR B 94 -3.63 18.90 0.80
N PHE B 95 -3.68 19.98 1.58
CA PHE B 95 -2.51 20.36 2.37
C PHE B 95 -2.00 19.21 3.26
N ALA B 96 -2.91 18.51 3.92
CA ALA B 96 -2.53 17.42 4.85
C ALA B 96 -1.69 16.37 4.16
N GLU B 97 -2.15 15.94 2.99
CA GLU B 97 -1.50 14.88 2.23
C GLU B 97 -0.15 15.31 1.66
N GLN B 98 -0.13 16.50 1.07
CA GLN B 98 1.10 17.03 0.52
C GLN B 98 2.09 17.45 1.59
N PHE B 99 1.59 17.90 2.75
CA PHE B 99 2.49 18.15 3.90
C PHE B 99 3.38 16.95 4.26
N VAL B 100 2.78 15.76 4.34
CA VAL B 100 3.53 14.60 4.86
C VAL B 100 4.63 14.24 3.88
N ALA B 101 4.33 14.42 2.60
CA ALA B 101 5.25 14.11 1.52
C ALA B 101 6.48 15.02 1.56
N GLN B 102 6.22 16.32 1.71
CA GLN B 102 7.29 17.34 1.77
C GLN B 102 8.15 17.14 2.99
N ALA B 103 7.50 16.78 4.11
CA ALA B 103 8.17 16.49 5.37
C ALA B 103 9.05 15.26 5.27
N GLY B 104 8.52 14.24 4.60
CA GLY B 104 9.27 13.04 4.29
C GLY B 104 10.54 13.32 3.51
N LYS B 105 10.41 14.02 2.40
CA LYS B 105 11.55 14.30 1.51
C LYS B 105 12.59 15.17 2.24
N LEU B 106 12.09 16.12 3.05
CA LEU B 106 12.95 17.00 3.84
C LEU B 106 13.81 16.21 4.82
N MET B 107 13.23 15.21 5.49
CA MET B 107 14.00 14.42 6.44
C MET B 107 14.64 13.18 5.84
N GLY B 108 14.25 12.83 4.61
CA GLY B 108 14.70 11.60 3.99
C GLY B 108 13.94 10.42 4.55
N GLY B 109 12.81 10.67 5.19
CA GLY B 109 12.08 9.61 5.84
C GLY B 109 11.24 10.02 7.03
N LEU B 110 10.63 9.00 7.63
CA LEU B 110 9.72 9.18 8.76
C LEU B 110 9.69 7.99 9.70
N ASP B 111 10.00 8.26 10.97
CA ASP B 111 9.97 7.28 12.04
C ASP B 111 8.75 7.39 12.93
N MET B 112 8.29 8.62 13.15
CA MET B 112 7.17 8.83 14.03
C MET B 112 6.31 9.98 13.55
N LEU B 113 5.00 9.80 13.60
CA LEU B 113 4.01 10.83 13.24
C LEU B 113 3.22 11.20 14.47
N ILE B 114 3.31 12.46 14.89
CA ILE B 114 2.61 12.87 16.11
C ILE B 114 1.48 13.78 15.69
N LEU B 115 0.27 13.24 15.84
CA LEU B 115 -0.94 13.92 15.39
C LEU B 115 -1.56 14.53 16.63
N ASN B 116 -1.45 15.85 16.72
CA ASN B 116 -1.74 16.59 17.94
C ASN B 116 -2.66 17.79 17.77
N HIS B 117 -2.79 18.28 16.53
CA HIS B 117 -3.55 19.50 16.28
C HIS B 117 -5.01 19.28 16.53
N ILE B 118 -5.69 20.42 16.65
CA ILE B 118 -7.08 20.47 17.05
C ILE B 118 -7.63 21.82 16.60
N THR B 119 -8.87 21.84 16.13
CA THR B 119 -9.57 23.11 15.81
C THR B 119 -10.06 23.82 17.07
N ASN B 120 -10.01 25.16 17.03
CA ASN B 120 -10.49 25.93 18.19
C ASN B 120 -11.94 25.60 18.60
N THR B 121 -12.05 25.41 19.90
CA THR B 121 -13.23 24.93 20.59
C THR B 121 -13.27 25.68 21.91
N SER B 122 -14.47 26.07 22.31
CA SER B 122 -14.70 26.61 23.64
C SER B 122 -15.91 25.88 24.24
N LEU B 123 -16.03 25.93 25.57
CA LEU B 123 -17.10 25.23 26.26
C LEU B 123 -18.43 25.92 26.04
N ASN B 124 -19.36 25.24 25.35
CA ASN B 124 -20.70 25.76 25.13
C ASN B 124 -21.71 24.63 25.02
N LEU B 125 -22.93 24.91 25.44
CA LEU B 125 -24.05 24.03 25.22
C LEU B 125 -24.27 23.91 23.71
N PHE B 126 -24.46 22.68 23.21
CA PHE B 126 -24.82 22.45 21.80
C PHE B 126 -26.26 22.86 21.57
N HIS B 127 -26.48 23.62 20.51
CA HIS B 127 -27.84 23.98 20.11
C HIS B 127 -28.10 23.61 18.65
N ASP B 128 -27.41 24.27 17.73
CA ASP B 128 -27.57 23.93 16.33
C ASP B 128 -26.39 24.24 15.41
N ASP B 129 -25.17 24.23 15.94
CA ASP B 129 -23.97 24.54 15.16
C ASP B 129 -23.41 23.29 14.45
N ILE B 130 -24.09 22.91 13.37
CA ILE B 130 -23.66 21.81 12.53
C ILE B 130 -22.35 22.15 11.82
N HIS B 131 -22.06 23.43 11.60
CA HIS B 131 -20.79 23.83 11.00
C HIS B 131 -19.68 23.37 11.88
N HIS B 132 -19.86 23.60 13.18
CA HIS B 132 -18.85 23.26 14.15
C HIS B 132 -18.69 21.77 14.33
N VAL B 133 -19.79 21.01 14.28
CA VAL B 133 -19.73 19.57 14.46
C VAL B 133 -18.92 18.99 13.29
N ARG B 134 -19.26 19.46 12.09
CA ARG B 134 -18.58 19.07 10.86
C ARG B 134 -17.11 19.49 10.84
N LYS B 135 -16.83 20.77 11.15
CA LYS B 135 -15.44 21.25 11.16
C LYS B 135 -14.59 20.52 12.24
N SER B 136 -15.20 20.21 13.40
CA SER B 136 -14.46 19.49 14.44
C SER B 136 -14.08 18.11 13.92
N MET B 137 -15.02 17.48 13.26
CA MET B 137 -14.77 16.20 12.67
C MET B 137 -13.73 16.16 11.51
N GLU B 138 -13.67 17.23 10.72
CA GLU B 138 -12.71 17.35 9.60
C GLU B 138 -11.29 17.55 10.09
N VAL B 139 -11.17 18.50 11.01
CA VAL B 139 -9.88 18.89 11.57
C VAL B 139 -9.36 17.91 12.64
N ASN B 140 -10.22 17.49 13.59
CA ASN B 140 -9.76 16.66 14.73
C ASN B 140 -9.70 15.14 14.47
N PHE B 141 -10.43 14.67 13.45
CA PHE B 141 -10.45 13.26 13.10
C PHE B 141 -10.04 12.96 11.64
N LEU B 142 -10.81 13.40 10.66
CA LEU B 142 -10.49 13.11 9.25
C LEU B 142 -9.09 13.46 8.82
N SER B 143 -8.64 14.69 9.14
CA SER B 143 -7.27 15.05 8.78
C SER B 143 -6.25 14.06 9.33
N TYR B 144 -6.55 13.51 10.50
CA TYR B 144 -5.64 12.52 11.11
C TYR B 144 -5.55 11.25 10.31
N VAL B 145 -6.66 10.88 9.68
CA VAL B 145 -6.72 9.70 8.86
C VAL B 145 -5.96 9.93 7.55
N VAL B 146 -6.15 11.12 6.96
CA VAL B 146 -5.46 11.53 5.72
C VAL B 146 -3.97 11.55 5.97
N LEU B 147 -3.57 12.13 7.10
CA LEU B 147 -2.18 12.16 7.51
C LEU B 147 -1.59 10.77 7.64
N THR B 148 -2.35 9.87 8.23
CA THR B 148 -1.90 8.49 8.46
C THR B 148 -1.73 7.76 7.11
N VAL B 149 -2.72 7.90 6.23
CA VAL B 149 -2.66 7.29 4.93
C VAL B 149 -1.39 7.79 4.21
N ALA B 150 -1.15 9.09 4.25
CA ALA B 150 -0.02 9.67 3.52
C ALA B 150 1.31 9.18 4.08
N ALA B 151 1.34 8.92 5.39
CA ALA B 151 2.58 8.63 6.11
C ALA B 151 2.95 7.16 6.18
N LEU B 152 1.96 6.29 6.06
CA LEU B 152 2.15 4.90 6.39
C LEU B 152 3.21 4.18 5.62
N PRO B 153 3.36 4.45 4.29
CA PRO B 153 4.46 3.88 3.52
C PRO B 153 5.85 4.13 4.10
N MET B 154 6.12 5.39 4.48
CA MET B 154 7.38 5.69 5.18
C MET B 154 7.44 5.02 6.54
N LEU B 155 6.32 5.02 7.24
CA LEU B 155 6.26 4.41 8.56
C LEU B 155 6.46 2.87 8.45
N LYS B 156 6.00 2.28 7.35
CA LYS B 156 6.17 0.84 7.13
C LYS B 156 7.61 0.47 6.92
N GLN B 157 8.33 1.33 6.16
CA GLN B 157 9.75 1.14 5.83
C GLN B 157 10.60 1.22 7.09
N SER B 158 10.24 2.13 8.01
CA SER B 158 11.01 2.37 9.24
C SER B 158 10.52 1.56 10.46
N ASN B 159 9.54 0.66 10.28
CA ASN B 159 8.74 0.15 11.40
C ASN B 159 8.46 1.23 12.45
N GLY B 160 7.87 2.33 11.98
CA GLY B 160 7.68 3.50 12.81
C GLY B 160 6.47 3.46 13.70
N SER B 161 6.00 4.68 14.02
CA SER B 161 5.02 4.87 15.08
C SER B 161 4.08 6.03 14.77
N ILE B 162 2.81 5.84 15.09
CA ILE B 162 1.82 6.91 15.07
C ILE B 162 1.32 7.19 16.49
N VAL B 163 1.40 8.45 16.88
CA VAL B 163 0.92 8.91 18.13
C VAL B 163 -0.24 9.82 17.91
N VAL B 164 -1.33 9.48 18.61
CA VAL B 164 -2.60 10.19 18.50
C VAL B 164 -2.98 10.80 19.83
N VAL B 165 -3.13 12.12 19.83
CA VAL B 165 -3.38 12.83 21.05
C VAL B 165 -4.87 12.98 21.20
N SER B 166 -5.40 12.33 22.25
CA SER B 166 -6.80 12.47 22.64
C SER B 166 -6.90 13.10 24.04
N SER B 167 -7.95 12.73 24.76
CA SER B 167 -8.47 13.53 25.86
C SER B 167 -9.32 12.67 26.75
N LEU B 168 -9.36 12.95 28.07
CA LEU B 168 -10.33 12.28 28.94
C LEU B 168 -11.77 12.40 28.39
N ALA B 169 -12.06 13.53 27.75
CA ALA B 169 -13.38 13.73 27.15
C ALA B 169 -13.54 12.94 25.88
N GLY B 170 -12.49 12.22 25.45
CA GLY B 170 -12.58 11.21 24.40
C GLY B 170 -12.83 9.79 24.92
N LYS B 171 -13.03 9.66 26.21
CA LYS B 171 -13.33 8.38 26.85
C LYS B 171 -14.54 8.52 27.75
N VAL B 172 -14.76 9.70 28.27
CA VAL B 172 -15.75 9.87 29.31
C VAL B 172 -16.64 11.01 28.87
N ALA B 173 -17.92 10.89 29.20
CA ALA B 173 -18.95 11.85 28.83
C ALA B 173 -18.91 13.16 29.65
N TYR B 174 -18.75 14.30 28.98
CA TYR B 174 -18.87 15.66 29.62
C TYR B 174 -19.81 16.62 28.86
N PRO B 175 -20.57 17.47 29.60
CA PRO B 175 -21.41 18.43 28.91
C PRO B 175 -20.55 19.56 28.34
N MET B 176 -21.08 20.29 27.37
CA MET B 176 -20.42 21.47 26.79
C MET B 176 -19.38 21.14 25.75
N VAL B 177 -19.13 19.85 25.51
CA VAL B 177 -18.07 19.47 24.59
C VAL B 177 -18.51 18.41 23.59
N ALA B 178 -19.75 18.55 23.12
CA ALA B 178 -20.40 17.52 22.34
C ALA B 178 -19.60 17.20 21.04
N ALA B 179 -19.30 18.25 20.25
CA ALA B 179 -18.65 18.09 18.96
C ALA B 179 -17.21 17.64 19.13
N TYR B 180 -16.55 18.24 20.10
CA TYR B 180 -15.20 17.85 20.47
C TYR B 180 -15.10 16.38 20.86
N SER B 181 -15.98 15.98 21.77
CA SER B 181 -16.02 14.60 22.29
CA SER B 181 -16.01 14.61 22.30
C SER B 181 -16.29 13.59 21.17
N ALA B 182 -17.24 13.91 20.30
CA ALA B 182 -17.54 13.06 19.17
C ALA B 182 -16.27 12.84 18.32
N SER B 183 -15.54 13.91 18.07
CA SER B 183 -14.32 13.80 17.25
C SER B 183 -13.20 12.99 17.95
N LYS B 184 -13.05 13.14 19.26
CA LYS B 184 -12.02 12.42 19.95
C LYS B 184 -12.38 10.96 20.13
N PHE B 185 -13.64 10.71 20.40
CA PHE B 185 -14.20 9.33 20.35
C PHE B 185 -13.99 8.60 19.00
N ALA B 186 -14.26 9.33 17.92
CA ALA B 186 -14.03 8.84 16.58
C ALA B 186 -12.59 8.36 16.35
N LEU B 187 -11.59 9.14 16.80
CA LEU B 187 -10.18 8.72 16.86
C LEU B 187 -9.94 7.40 17.59
N ASP B 188 -10.55 7.23 18.76
CA ASP B 188 -10.44 5.97 19.48
C ASP B 188 -10.97 4.83 18.60
N GLY B 189 -12.18 4.99 18.10
CA GLY B 189 -12.75 3.99 17.29
C GLY B 189 -11.94 3.60 16.07
N PHE B 190 -11.44 4.58 15.34
CA PHE B 190 -10.75 4.32 14.10
C PHE B 190 -9.36 3.69 14.30
N PHE B 191 -8.56 4.34 15.14
CA PHE B 191 -7.18 3.93 15.36
C PHE B 191 -7.09 2.66 16.20
N SER B 192 -8.04 2.44 17.13
CA SER B 192 -8.07 1.19 17.85
C SER B 192 -8.42 0.01 16.94
N SER B 193 -9.26 0.26 15.92
CA SER B 193 -9.61 -0.73 14.91
C SER B 193 -8.43 -1.06 14.01
N ILE B 194 -7.75 -0.06 13.44
CA ILE B 194 -6.60 -0.38 12.59
C ILE B 194 -5.43 -0.95 13.37
N ARG B 195 -5.24 -0.55 14.64
CA ARG B 195 -4.25 -1.25 15.43
C ARG B 195 -4.40 -2.80 15.39
N LYS B 196 -5.65 -3.26 15.53
CA LYS B 196 -5.99 -4.68 15.50
C LYS B 196 -5.72 -5.31 14.13
N GLU B 197 -6.01 -4.54 13.06
CA GLU B 197 -5.73 -4.98 11.69
C GLU B 197 -4.23 -5.17 11.48
N TYR B 198 -3.44 -4.16 11.85
CA TYR B 198 -1.97 -4.16 11.74
C TYR B 198 -1.26 -5.28 12.50
N SER B 199 -1.74 -5.59 13.70
CA SER B 199 -1.27 -6.78 14.45
C SER B 199 -1.39 -8.14 13.68
N VAL B 200 -2.57 -8.37 13.08
CA VAL B 200 -2.81 -9.57 12.32
C VAL B 200 -2.11 -9.58 10.94
N SER B 201 -2.18 -8.47 10.20
CA SER B 201 -1.49 -8.33 8.90
C SER B 201 0.01 -8.24 9.04
N ARG B 202 0.48 -8.13 10.29
CA ARG B 202 1.92 -8.03 10.62
C ARG B 202 2.52 -6.75 10.06
N VAL B 203 1.74 -5.67 10.09
CA VAL B 203 2.23 -4.31 9.79
C VAL B 203 2.84 -3.74 11.08
N ASN B 204 4.15 -3.46 11.04
CA ASN B 204 4.89 -3.08 12.23
C ASN B 204 4.94 -1.58 12.39
N VAL B 205 3.77 -1.01 12.67
CA VAL B 205 3.61 0.40 12.93
C VAL B 205 2.72 0.43 14.17
N SER B 206 3.29 1.02 15.20
CA SER B 206 2.68 1.12 16.49
C SER B 206 1.73 2.33 16.41
N ILE B 207 0.68 2.27 17.23
CA ILE B 207 -0.36 3.27 17.31
C ILE B 207 -0.56 3.51 18.77
N THR B 208 -0.28 4.74 19.21
CA THR B 208 -0.41 5.12 20.61
C THR B 208 -1.48 6.19 20.78
N LEU B 209 -2.47 5.87 21.59
CA LEU B 209 -3.51 6.83 21.86
C LEU B 209 -3.26 7.37 23.26
N CYS B 210 -3.12 8.70 23.33
CA CYS B 210 -2.92 9.45 24.55
C CYS B 210 -4.21 10.06 25.08
N VAL B 211 -4.54 9.69 26.32
CA VAL B 211 -5.68 10.26 27.05
C VAL B 211 -5.18 11.24 28.09
N LEU B 212 -5.40 12.52 27.82
CA LEU B 212 -4.90 13.56 28.65
C LEU B 212 -6.01 14.20 29.47
N GLY B 213 -5.69 14.53 30.73
CA GLY B 213 -6.52 15.34 31.61
C GLY B 213 -6.18 16.80 31.33
N LEU B 214 -6.45 17.69 32.31
CA LEU B 214 -6.22 19.12 32.13
C LEU B 214 -4.73 19.39 32.15
N ILE B 215 -4.27 19.99 31.04
CA ILE B 215 -2.85 20.38 30.84
C ILE B 215 -2.75 21.91 30.76
N ASP B 216 -1.79 22.50 31.47
CA ASP B 216 -1.68 23.96 31.59
C ASP B 216 -1.22 24.78 30.32
N THR B 217 -1.68 24.42 29.14
CA THR B 217 -1.48 25.26 27.94
C THR B 217 -2.38 26.48 28.03
N GLU B 218 -1.97 27.59 27.41
CA GLU B 218 -2.79 28.81 27.44
C GLU B 218 -4.20 28.52 26.93
N THR B 219 -4.37 27.73 25.88
CA THR B 219 -5.71 27.46 25.35
C THR B 219 -6.61 26.85 26.43
N ALA B 220 -6.08 25.83 27.09
CA ALA B 220 -6.89 25.11 28.07
C ALA B 220 -7.16 25.95 29.29
N MET B 221 -6.18 26.68 29.76
CA MET B 221 -6.38 27.49 30.96
C MET B 221 -7.38 28.64 30.73
N LYS B 222 -7.37 29.19 29.51
CA LYS B 222 -8.36 30.20 29.15
C LYS B 222 -9.76 29.57 29.13
N ALA B 223 -9.82 28.30 28.72
CA ALA B 223 -11.12 27.59 28.66
C ALA B 223 -11.69 27.26 30.04
N VAL B 224 -10.85 26.79 30.96
CA VAL B 224 -11.31 26.43 32.31
C VAL B 224 -11.29 27.59 33.29
N SER B 225 -11.12 28.80 32.79
CA SER B 225 -11.04 29.97 33.67
C SER B 225 -12.33 30.21 34.45
N GLY B 226 -12.22 30.21 35.78
CA GLY B 226 -13.37 30.40 36.67
C GLY B 226 -14.18 29.15 36.97
N ILE B 227 -13.75 28.02 36.42
CA ILE B 227 -14.32 26.71 36.71
C ILE B 227 -13.52 26.11 37.87
N VAL B 228 -14.19 25.32 38.73
CA VAL B 228 -13.49 24.58 39.80
C VAL B 228 -12.77 23.36 39.15
N HIS B 229 -11.50 23.11 39.49
CA HIS B 229 -10.74 21.96 38.89
C HIS B 229 -9.47 21.63 39.67
N MET B 230 -9.01 20.39 39.54
CA MET B 230 -7.70 19.95 40.06
C MET B 230 -6.59 20.72 39.35
N GLN B 231 -5.46 20.89 40.02
CA GLN B 231 -4.37 21.61 39.42
C GLN B 231 -4.08 21.03 38.01
N ALA B 232 -4.00 21.90 37.01
CA ALA B 232 -3.56 21.51 35.68
C ALA B 232 -2.21 20.86 35.79
N ALA B 233 -1.99 19.80 35.00
CA ALA B 233 -0.66 19.16 34.88
C ALA B 233 0.27 19.96 33.97
N PRO B 234 1.58 19.88 34.25
CA PRO B 234 2.50 20.71 33.44
C PRO B 234 2.63 20.22 31.99
N LYS B 235 2.61 21.17 31.08
CA LYS B 235 2.61 20.89 29.68
C LYS B 235 3.92 20.29 29.22
N GLU B 236 5.02 20.57 29.93
CA GLU B 236 6.35 20.06 29.52
C GLU B 236 6.51 18.57 29.84
N GLU B 237 6.06 18.18 31.03
CA GLU B 237 6.07 16.79 31.47
C GLU B 237 5.07 15.97 30.61
N CYS B 238 3.91 16.56 30.31
CA CYS B 238 2.91 15.94 29.40
C CYS B 238 3.54 15.52 28.06
N ALA B 239 4.10 16.50 27.38
CA ALA B 239 4.79 16.31 26.13
C ALA B 239 5.78 15.16 26.19
N LEU B 240 6.57 15.09 27.27
CA LEU B 240 7.59 14.06 27.39
C LEU B 240 6.99 12.64 27.53
N GLU B 241 5.97 12.55 28.40
CA GLU B 241 5.31 11.25 28.61
C GLU B 241 4.65 10.77 27.34
N ILE B 242 4.14 11.71 26.53
CA ILE B 242 3.63 11.35 25.20
C ILE B 242 4.73 10.72 24.33
N ILE B 243 5.92 11.35 24.34
CA ILE B 243 7.03 10.91 23.46
C ILE B 243 7.55 9.53 23.86
N LYS B 244 7.73 9.35 25.17
CA LYS B 244 8.05 8.06 25.78
C LYS B 244 7.06 6.96 25.45
N GLY B 245 5.77 7.21 25.63
CA GLY B 245 4.76 6.21 25.26
C GLY B 245 4.85 5.75 23.81
N GLY B 246 4.93 6.70 22.88
CA GLY B 246 5.14 6.39 21.48
C GLY B 246 6.47 5.71 21.23
N ALA B 247 7.55 6.21 21.80
CA ALA B 247 8.84 5.57 21.60
C ALA B 247 8.84 4.09 22.08
N LEU B 248 8.17 3.83 23.19
CA LEU B 248 8.03 2.48 23.73
C LEU B 248 6.91 1.64 23.12
N ARG B 249 6.20 2.19 22.13
CA ARG B 249 5.17 1.46 21.38
C ARG B 249 3.95 1.04 22.24
N GLN B 250 3.69 1.85 23.27
CA GLN B 250 2.58 1.58 24.17
C GLN B 250 1.28 1.86 23.44
N GLU B 251 0.28 1.02 23.69
CA GLU B 251 -1.01 1.21 23.05
C GLU B 251 -1.73 2.48 23.54
N GLU B 252 -1.68 2.77 24.84
CA GLU B 252 -2.27 4.00 25.38
C GLU B 252 -1.36 4.66 26.43
N VAL B 253 -1.41 5.97 26.48
CA VAL B 253 -0.73 6.74 27.53
C VAL B 253 -1.79 7.55 28.25
N TYR B 254 -1.65 7.60 29.57
CA TYR B 254 -2.53 8.34 30.47
C TYR B 254 -1.69 9.33 31.19
N TYR B 255 -2.10 10.59 31.12
CA TYR B 255 -1.39 11.68 31.77
C TYR B 255 -2.42 12.71 32.20
N ASP B 256 -2.47 13.06 33.50
CA ASP B 256 -1.41 12.66 34.46
C ASP B 256 -1.57 11.22 34.98
N SER B 257 -0.63 10.79 35.83
CA SER B 257 -0.66 9.46 36.43
C SER B 257 -1.95 9.16 37.22
N SER B 258 -2.54 10.16 37.88
CA SER B 258 -3.83 10.00 38.58
C SER B 258 -5.03 9.57 37.70
N LEU B 259 -4.89 9.66 36.38
CA LEU B 259 -6.01 9.53 35.43
C LEU B 259 -6.64 8.13 35.37
N TRP B 260 -5.81 7.09 35.45
CA TRP B 260 -6.29 5.70 35.42
C TRP B 260 -7.34 5.33 36.50
N THR B 261 -7.33 6.00 37.66
CA THR B 261 -8.29 5.64 38.73
C THR B 261 -9.70 6.05 38.31
N THR B 262 -9.78 7.15 37.57
CA THR B 262 -11.03 7.63 37.01
C THR B 262 -11.47 6.72 35.87
N LEU B 263 -10.50 6.34 35.02
CA LEU B 263 -10.77 5.64 33.78
C LEU B 263 -11.12 4.18 33.95
N LEU B 264 -10.46 3.55 34.91
CA LEU B 264 -10.56 2.10 35.10
C LEU B 264 -11.28 1.70 36.38
N ILE B 265 -11.54 2.67 37.26
CA ILE B 265 -12.24 2.39 38.51
C ILE B 265 -13.54 3.23 38.58
N ARG B 266 -13.42 4.53 38.80
CA ARG B 266 -14.58 5.42 39.00
C ARG B 266 -15.64 5.29 37.89
N ASN B 267 -15.20 5.39 36.64
CA ASN B 267 -16.13 5.38 35.53
C ASN B 267 -16.89 4.04 35.40
N PRO B 268 -16.18 2.87 35.41
CA PRO B 268 -16.90 1.59 35.42
C PRO B 268 -18.01 1.43 36.52
N CYS B 269 -17.77 2.03 37.69
CA CYS B 269 -18.71 1.98 38.79
C CYS B 269 -19.93 2.81 38.54
N ARG B 270 -19.70 4.08 38.16
CA ARG B 270 -20.80 4.99 37.82
C ARG B 270 -21.71 4.31 36.78
N LYS B 271 -21.07 3.75 35.74
CA LYS B 271 -21.77 3.00 34.67
C LYS B 271 -22.56 1.80 35.22
N ILE B 272 -21.88 0.91 35.95
CA ILE B 272 -22.52 -0.30 36.48
C ILE B 272 -23.56 -0.02 37.59
N LEU B 273 -23.51 1.16 38.19
CA LEU B 273 -24.53 1.60 39.14
C LEU B 273 -25.80 2.07 38.42
N GLU B 274 -25.67 2.87 37.37
CA GLU B 274 -26.85 3.24 36.55
C GLU B 274 -27.21 2.13 35.57
N GLY C 12 28.50 -0.49 -53.35
CA GLY C 12 27.19 -0.65 -52.69
C GLY C 12 26.54 -1.98 -53.08
N ARG C 13 26.04 -2.06 -54.31
CA ARG C 13 25.27 -3.21 -54.73
C ARG C 13 26.04 -4.52 -54.55
N GLU C 14 27.28 -4.60 -55.04
CA GLU C 14 28.03 -5.84 -54.98
C GLU C 14 28.29 -6.20 -53.54
N ASN C 15 28.49 -5.19 -52.70
CA ASN C 15 28.76 -5.50 -51.29
C ASN C 15 27.57 -6.04 -50.54
N LEU C 16 26.38 -5.89 -51.08
CA LEU C 16 25.21 -6.54 -50.44
C LEU C 16 25.45 -8.07 -50.43
N TYR C 17 26.17 -8.53 -51.44
CA TYR C 17 26.37 -9.96 -51.63
C TYR C 17 27.65 -10.44 -50.90
N PHE C 18 28.77 -9.76 -51.16
CA PHE C 18 30.04 -10.17 -50.57
C PHE C 18 30.12 -9.94 -49.07
N GLN C 19 29.48 -8.87 -48.60
CA GLN C 19 29.33 -8.56 -47.18
C GLN C 19 30.65 -8.52 -46.38
N GLY C 20 31.61 -7.77 -46.93
CA GLY C 20 32.97 -7.68 -46.40
C GLY C 20 33.05 -7.29 -44.93
N HIS C 21 33.80 -8.09 -44.16
CA HIS C 21 34.23 -7.79 -42.77
C HIS C 21 35.23 -6.61 -42.79
N MET C 22 34.78 -5.40 -42.43
CA MET C 22 35.68 -4.26 -42.28
C MET C 22 36.39 -4.34 -40.91
N GLU C 23 37.65 -3.91 -40.84
CA GLU C 23 38.35 -3.81 -39.56
C GLU C 23 38.10 -2.39 -39.06
N PHE C 24 38.11 -2.20 -37.74
CA PHE C 24 37.79 -0.89 -37.18
C PHE C 24 38.77 0.22 -37.59
N ARG C 25 38.23 1.41 -37.88
CA ARG C 25 39.01 2.64 -38.13
C ARG C 25 38.37 3.84 -37.39
N PRO C 26 39.17 4.67 -36.72
CA PRO C 26 38.63 5.88 -36.07
C PRO C 26 37.73 6.72 -36.97
N GLU C 27 38.06 6.77 -38.27
CA GLU C 27 37.26 7.40 -39.34
C GLU C 27 35.78 6.98 -39.36
N MET C 28 35.47 5.83 -38.77
CA MET C 28 34.10 5.31 -38.70
C MET C 28 33.17 6.17 -37.85
N LEU C 29 33.74 6.90 -36.90
CA LEU C 29 32.98 7.70 -35.94
C LEU C 29 33.05 9.18 -36.27
N GLN C 30 33.89 9.52 -37.25
CA GLN C 30 34.05 10.87 -37.72
C GLN C 30 32.73 11.33 -38.35
N GLY C 31 32.23 12.47 -37.86
CA GLY C 31 30.96 13.03 -38.32
C GLY C 31 29.71 12.39 -37.74
N LYS C 32 29.86 11.29 -37.01
CA LYS C 32 28.72 10.55 -36.45
C LYS C 32 28.14 11.27 -35.24
N LYS C 33 26.84 11.03 -34.99
CA LYS C 33 26.06 11.75 -33.95
C LYS C 33 25.72 10.82 -32.81
N VAL C 34 26.31 11.10 -31.65
CA VAL C 34 26.32 10.16 -30.56
C VAL C 34 25.87 10.74 -29.24
N ILE C 35 24.95 10.03 -28.61
CA ILE C 35 24.60 10.25 -27.23
C ILE C 35 25.40 9.28 -26.36
N VAL C 36 26.02 9.81 -25.30
CA VAL C 36 26.57 8.99 -24.22
C VAL C 36 25.92 9.38 -22.91
N THR C 37 25.34 8.40 -22.21
CA THR C 37 24.77 8.60 -20.89
C THR C 37 25.80 8.17 -19.83
N GLY C 38 25.58 8.61 -18.60
CA GLY C 38 26.50 8.36 -17.51
C GLY C 38 27.91 8.73 -17.89
N ALA C 39 28.08 9.97 -18.35
CA ALA C 39 29.24 10.43 -19.11
C ALA C 39 30.07 11.49 -18.38
N SER C 40 29.70 11.83 -17.15
CA SER C 40 30.45 12.79 -16.32
C SER C 40 31.68 12.14 -15.68
N LYS C 41 31.66 10.82 -15.49
CA LYS C 41 32.84 10.11 -14.97
C LYS C 41 32.93 8.66 -15.44
N GLY C 42 33.95 7.96 -14.98
CA GLY C 42 34.17 6.56 -15.29
C GLY C 42 34.25 6.24 -16.78
N ILE C 43 33.73 5.07 -17.13
CA ILE C 43 33.75 4.59 -18.53
C ILE C 43 33.05 5.58 -19.49
N GLY C 44 31.92 6.18 -19.10
CA GLY C 44 31.16 7.05 -20.00
C GLY C 44 31.93 8.29 -20.44
N ARG C 45 32.60 8.93 -19.50
CA ARG C 45 33.45 10.08 -19.82
C ARG C 45 34.57 9.74 -20.80
N GLU C 46 35.22 8.59 -20.58
CA GLU C 46 36.27 8.11 -21.51
C GLU C 46 35.74 7.82 -22.92
N MET C 47 34.49 7.36 -23.02
CA MET C 47 33.85 7.13 -24.29
C MET C 47 33.65 8.46 -24.98
N ALA C 48 33.17 9.47 -24.24
CA ALA C 48 33.05 10.81 -24.82
C ALA C 48 34.38 11.31 -25.40
N TYR C 49 35.44 11.25 -24.60
CA TYR C 49 36.78 11.69 -25.06
C TYR C 49 37.29 10.93 -26.30
N HIS C 50 37.06 9.62 -26.37
CA HIS C 50 37.46 8.84 -27.54
C HIS C 50 36.68 9.30 -28.77
N LEU C 51 35.38 9.51 -28.55
CA LEU C 51 34.47 9.96 -29.60
C LEU C 51 34.90 11.35 -30.12
N ALA C 52 35.38 12.19 -29.22
CA ALA C 52 35.92 13.49 -29.60
C ALA C 52 37.10 13.36 -30.55
N LYS C 53 38.09 12.57 -30.15
CA LYS C 53 39.33 12.46 -30.91
C LYS C 53 39.09 11.87 -32.31
N MET C 54 38.09 11.02 -32.42
CA MET C 54 37.72 10.46 -33.72
C MET C 54 36.85 11.41 -34.57
N GLY C 55 36.52 12.58 -34.01
CA GLY C 55 35.70 13.56 -34.70
C GLY C 55 34.19 13.33 -34.73
N ALA C 56 33.63 12.63 -33.75
CA ALA C 56 32.16 12.56 -33.67
C ALA C 56 31.57 13.89 -33.18
N HIS C 57 30.27 14.02 -33.39
CA HIS C 57 29.42 14.90 -32.59
C HIS C 57 28.97 14.12 -31.36
N VAL C 58 28.95 14.77 -30.20
CA VAL C 58 28.55 14.10 -28.97
C VAL C 58 27.60 14.95 -28.13
N VAL C 59 26.50 14.33 -27.67
CA VAL C 59 25.74 14.87 -26.54
C VAL C 59 25.93 13.92 -25.36
N VAL C 60 26.34 14.51 -24.23
CA VAL C 60 26.63 13.81 -22.99
C VAL C 60 25.60 14.17 -21.94
N THR C 61 25.31 13.23 -21.06
CA THR C 61 24.35 13.47 -20.01
C THR C 61 24.80 12.77 -18.73
N ALA C 62 24.21 13.26 -17.64
CA ALA C 62 24.45 12.82 -16.29
C ALA C 62 23.70 13.89 -15.48
N ARG C 63 23.76 13.85 -14.16
CA ARG C 63 22.94 14.75 -13.35
C ARG C 63 23.59 16.09 -13.09
N SER C 64 24.91 16.13 -13.23
CA SER C 64 25.70 17.25 -12.70
C SER C 64 26.15 18.18 -13.82
N LYS C 65 25.53 19.35 -13.89
CA LYS C 65 25.90 20.36 -14.88
C LYS C 65 27.40 20.52 -14.91
N GLU C 66 27.98 20.73 -13.72
CA GLU C 66 29.36 21.23 -13.56
C GLU C 66 30.39 20.29 -14.17
N THR C 67 30.38 19.02 -13.76
CA THR C 67 31.30 18.04 -14.34
C THR C 67 31.06 17.84 -15.85
N LEU C 68 29.82 18.01 -16.30
CA LEU C 68 29.50 17.81 -17.72
C LEU C 68 30.03 18.98 -18.57
N GLN C 69 30.07 20.19 -18.00
CA GLN C 69 30.60 21.36 -18.74
C GLN C 69 32.07 21.14 -19.05
N LYS C 70 32.79 20.57 -18.08
CA LYS C 70 34.22 20.32 -18.20
C LYS C 70 34.50 19.18 -19.15
N VAL C 71 33.60 18.19 -19.15
CA VAL C 71 33.68 17.07 -20.07
C VAL C 71 33.60 17.64 -21.47
N VAL C 72 32.55 18.44 -21.71
CA VAL C 72 32.33 19.05 -23.03
C VAL C 72 33.50 19.88 -23.47
N SER C 73 33.95 20.78 -22.58
CA SER C 73 35.12 21.59 -22.82
C SER C 73 36.26 20.72 -23.36
N HIS C 74 36.62 19.68 -22.61
CA HIS C 74 37.70 18.78 -23.05
C HIS C 74 37.45 18.10 -24.39
N CYS C 75 36.19 17.71 -24.65
CA CYS C 75 35.80 17.12 -25.94
C CYS C 75 36.03 18.05 -27.14
N LEU C 76 35.68 19.32 -26.98
CA LEU C 76 35.94 20.31 -28.02
C LEU C 76 37.44 20.45 -28.25
N GLU C 77 38.21 20.59 -27.17
CA GLU C 77 39.67 20.67 -27.29
C GLU C 77 40.26 19.45 -28.03
N LEU C 78 39.70 18.25 -27.79
CA LEU C 78 40.17 16.98 -28.43
C LEU C 78 39.86 16.80 -29.93
N GLY C 79 38.98 17.64 -30.47
CA GLY C 79 38.67 17.67 -31.90
C GLY C 79 37.28 17.18 -32.29
N ALA C 80 36.33 17.34 -31.36
CA ALA C 80 34.95 16.90 -31.58
C ALA C 80 34.23 17.82 -32.56
N ALA C 81 33.54 17.21 -33.52
CA ALA C 81 32.71 17.95 -34.47
C ALA C 81 31.84 18.96 -33.75
N SER C 82 31.21 18.49 -32.68
CA SER C 82 30.46 19.36 -31.78
C SER C 82 30.27 18.63 -30.46
N ALA C 83 30.05 19.37 -29.39
CA ALA C 83 29.81 18.76 -28.10
C ALA C 83 28.86 19.60 -27.27
N HIS C 84 27.79 18.98 -26.77
CA HIS C 84 26.90 19.60 -25.77
C HIS C 84 26.60 18.65 -24.65
N TYR C 85 26.02 19.21 -23.59
CA TYR C 85 25.57 18.43 -22.46
C TYR C 85 24.16 18.86 -22.06
N ILE C 86 23.46 17.93 -21.42
CA ILE C 86 22.13 18.16 -20.85
C ILE C 86 22.10 17.37 -19.56
N ALA C 87 21.95 18.09 -18.44
CA ALA C 87 21.87 17.47 -17.15
C ALA C 87 20.45 17.03 -16.77
N GLY C 88 20.38 15.90 -16.09
CA GLY C 88 19.17 15.49 -15.42
C GLY C 88 19.27 14.08 -14.90
N THR C 89 18.23 13.65 -14.18
CA THR C 89 18.19 12.29 -13.63
C THR C 89 17.33 11.29 -14.44
N MET C 90 17.92 10.14 -14.77
CA MET C 90 17.23 9.07 -15.43
C MET C 90 16.23 8.28 -14.56
N GLU C 91 16.03 8.73 -13.33
CA GLU C 91 14.89 8.28 -12.54
C GLU C 91 13.64 8.87 -13.12
N ASP C 92 13.78 10.05 -13.73
CA ASP C 92 12.64 10.75 -14.33
C ASP C 92 12.51 10.35 -15.80
N MET C 93 11.49 9.54 -16.09
CA MET C 93 11.32 9.01 -17.44
C MET C 93 10.97 10.09 -18.42
N THR C 94 10.37 11.17 -17.92
CA THR C 94 10.03 12.31 -18.74
C THR C 94 11.30 13.01 -19.15
N PHE C 95 12.20 13.24 -18.20
CA PHE C 95 13.51 13.70 -18.57
C PHE C 95 14.16 12.82 -19.66
N ALA C 96 14.13 11.49 -19.49
CA ALA C 96 14.71 10.58 -20.47
C ALA C 96 14.18 10.86 -21.88
N GLU C 97 12.87 10.85 -22.00
CA GLU C 97 12.16 11.03 -23.27
C GLU C 97 12.46 12.42 -23.92
N GLN C 98 12.50 13.46 -23.08
CA GLN C 98 12.74 14.82 -23.55
C GLN C 98 14.22 15.02 -23.90
N PHE C 99 15.10 14.34 -23.16
CA PHE C 99 16.53 14.44 -23.43
C PHE C 99 16.83 14.08 -24.88
N VAL C 100 16.45 12.87 -25.27
CA VAL C 100 16.77 12.35 -26.60
C VAL C 100 16.23 13.27 -27.69
N ALA C 101 15.02 13.81 -27.52
CA ALA C 101 14.49 14.71 -28.54
C ALA C 101 15.36 15.99 -28.60
N GLN C 102 15.71 16.53 -27.44
CA GLN C 102 16.57 17.72 -27.40
C GLN C 102 17.93 17.37 -28.03
N ALA C 103 18.47 16.19 -27.74
CA ALA C 103 19.82 15.84 -28.22
C ALA C 103 19.89 15.72 -29.73
N GLY C 104 18.87 15.09 -30.30
CA GLY C 104 18.78 14.92 -31.72
C GLY C 104 18.63 16.24 -32.42
N LYS C 105 17.95 17.18 -31.76
CA LYS C 105 17.70 18.51 -32.32
C LYS C 105 19.02 19.26 -32.44
N LEU C 106 19.89 19.07 -31.45
CA LEU C 106 21.17 19.76 -31.41
C LEU C 106 22.12 19.18 -32.44
N MET C 107 22.09 17.87 -32.61
CA MET C 107 22.95 17.22 -33.61
C MET C 107 22.34 17.09 -35.02
N GLY C 108 21.06 17.39 -35.18
CA GLY C 108 20.40 17.18 -36.48
C GLY C 108 20.22 15.68 -36.80
N GLY C 109 20.14 14.85 -35.77
CA GLY C 109 19.91 13.42 -35.95
C GLY C 109 20.63 12.62 -34.88
N LEU C 110 20.67 11.30 -35.07
CA LEU C 110 21.30 10.38 -34.14
C LEU C 110 21.76 9.09 -34.83
N ASP C 111 23.04 8.77 -34.66
CA ASP C 111 23.65 7.56 -35.26
C ASP C 111 23.90 6.48 -34.23
N MET C 112 24.21 6.90 -33.00
CA MET C 112 24.58 5.96 -31.96
C MET C 112 24.09 6.39 -30.59
N LEU C 113 23.47 5.45 -29.89
CA LEU C 113 22.95 5.68 -28.56
C LEU C 113 23.69 4.75 -27.62
N ILE C 114 24.52 5.33 -26.77
CA ILE C 114 25.32 4.56 -25.81
C ILE C 114 24.71 4.73 -24.43
N LEU C 115 24.12 3.63 -23.95
CA LEU C 115 23.39 3.56 -22.69
C LEU C 115 24.29 3.00 -21.62
N ASN C 116 24.72 3.88 -20.73
CA ASN C 116 25.83 3.56 -19.85
C ASN C 116 25.60 3.86 -18.37
N HIS C 117 24.65 4.75 -18.08
CA HIS C 117 24.43 5.23 -16.72
C HIS C 117 23.91 4.13 -15.82
N ILE C 118 24.00 4.38 -14.53
CA ILE C 118 23.70 3.35 -13.55
C ILE C 118 23.39 4.08 -12.25
N THR C 119 22.54 3.48 -11.41
CA THR C 119 22.27 4.00 -10.07
C THR C 119 23.33 3.54 -9.07
N ASN C 120 23.53 4.37 -8.05
CA ASN C 120 24.53 4.13 -7.04
C ASN C 120 24.23 2.81 -6.37
N THR C 121 25.27 1.99 -6.25
CA THR C 121 25.16 0.64 -5.78
C THR C 121 26.41 0.25 -5.01
N SER C 122 26.23 -0.59 -3.98
CA SER C 122 27.32 -1.08 -3.17
C SER C 122 27.09 -2.57 -2.89
N LEU C 123 28.12 -3.25 -2.39
CA LEU C 123 28.05 -4.67 -2.09
C LEU C 123 27.39 -4.96 -0.73
N ASN C 124 26.10 -5.24 -0.75
CA ASN C 124 25.37 -5.64 0.46
C ASN C 124 24.57 -6.89 0.18
N LEU C 125 24.40 -7.72 1.19
CA LEU C 125 23.45 -8.83 1.17
C LEU C 125 22.04 -8.29 1.09
N PHE C 126 21.16 -9.03 0.42
CA PHE C 126 19.80 -8.55 0.25
C PHE C 126 19.00 -8.90 1.49
N HIS C 127 18.23 -7.95 1.98
CA HIS C 127 17.36 -8.21 3.14
C HIS C 127 15.94 -7.79 2.85
N ASP C 128 15.70 -6.49 2.68
CA ASP C 128 14.34 -6.03 2.45
C ASP C 128 14.27 -4.67 1.75
N ASP C 129 15.33 -4.35 1.02
CA ASP C 129 15.46 -3.03 0.41
C ASP C 129 14.76 -3.07 -0.93
N ILE C 130 13.43 -3.07 -0.87
CA ILE C 130 12.62 -3.14 -2.08
C ILE C 130 12.78 -1.82 -2.81
N HIS C 131 13.04 -0.76 -2.05
CA HIS C 131 13.25 0.55 -2.63
C HIS C 131 14.42 0.53 -3.65
N HIS C 132 15.53 -0.10 -3.24
CA HIS C 132 16.74 -0.16 -4.07
C HIS C 132 16.51 -1.13 -5.23
N VAL C 133 15.68 -2.15 -5.02
CA VAL C 133 15.35 -3.09 -6.11
C VAL C 133 14.58 -2.32 -7.18
N ARG C 134 13.63 -1.53 -6.73
CA ARG C 134 12.78 -0.72 -7.61
C ARG C 134 13.61 0.36 -8.36
N LYS C 135 14.39 1.13 -7.63
CA LYS C 135 15.19 2.21 -8.21
C LYS C 135 16.22 1.65 -9.19
N SER C 136 16.80 0.49 -8.87
CA SER C 136 17.70 -0.19 -9.80
C SER C 136 16.99 -0.53 -11.10
N MET C 137 15.82 -1.14 -11.02
CA MET C 137 15.09 -1.47 -12.23
C MET C 137 14.70 -0.23 -13.05
N GLU C 138 14.26 0.84 -12.38
CA GLU C 138 13.92 2.10 -13.07
C GLU C 138 15.17 2.73 -13.74
N VAL C 139 16.25 2.89 -12.98
CA VAL C 139 17.41 3.60 -13.51
C VAL C 139 18.24 2.74 -14.47
N ASN C 140 18.51 1.49 -14.08
CA ASN C 140 19.45 0.64 -14.82
C ASN C 140 18.80 -0.07 -15.95
N PHE C 141 17.47 -0.16 -15.94
CA PHE C 141 16.72 -0.91 -16.95
C PHE C 141 15.66 -0.04 -17.67
N LEU C 142 14.66 0.40 -16.95
CA LEU C 142 13.54 1.05 -17.62
C LEU C 142 13.92 2.31 -18.40
N SER C 143 14.71 3.19 -17.80
CA SER C 143 15.18 4.37 -18.49
C SER C 143 15.90 4.01 -19.80
N TYR C 144 16.65 2.90 -19.84
CA TYR C 144 17.24 2.45 -21.08
C TYR C 144 16.20 2.16 -22.13
N VAL C 145 15.10 1.51 -21.73
CA VAL C 145 14.02 1.18 -22.67
C VAL C 145 13.37 2.49 -23.18
N VAL C 146 13.14 3.42 -22.26
CA VAL C 146 12.52 4.68 -22.60
C VAL C 146 13.40 5.46 -23.60
N LEU C 147 14.70 5.50 -23.35
CA LEU C 147 15.65 6.23 -24.17
C LEU C 147 15.63 5.64 -25.55
N THR C 148 15.66 4.31 -25.62
CA THR C 148 15.58 3.58 -26.88
C THR C 148 14.31 3.88 -27.67
N VAL C 149 13.17 3.78 -27.02
CA VAL C 149 11.92 4.16 -27.68
C VAL C 149 12.02 5.61 -28.27
N ALA C 150 12.52 6.56 -27.48
CA ALA C 150 12.63 7.93 -28.02
C ALA C 150 13.67 8.04 -29.15
N ALA C 151 14.71 7.22 -29.12
CA ALA C 151 15.84 7.34 -30.03
C ALA C 151 15.60 6.62 -31.33
N LEU C 152 14.68 5.67 -31.34
CA LEU C 152 14.60 4.72 -32.44
C LEU C 152 14.21 5.30 -33.83
N PRO C 153 13.22 6.19 -33.89
CA PRO C 153 12.94 6.84 -35.14
C PRO C 153 14.18 7.42 -35.84
N MET C 154 15.00 8.19 -35.15
CA MET C 154 16.24 8.70 -35.70
C MET C 154 17.26 7.63 -36.03
N LEU C 155 17.27 6.59 -35.22
CA LEU C 155 18.22 5.51 -35.44
C LEU C 155 17.86 4.68 -36.70
N LYS C 156 16.57 4.48 -36.98
CA LYS C 156 16.13 3.79 -38.22
C LYS C 156 16.49 4.60 -39.49
N GLN C 157 16.22 5.88 -39.43
CA GLN C 157 16.66 6.79 -40.46
C GLN C 157 18.15 6.72 -40.76
N SER C 158 18.98 6.55 -39.74
CA SER C 158 20.43 6.49 -39.93
C SER C 158 20.91 5.05 -40.06
N ASN C 159 20.04 4.08 -39.78
CA ASN C 159 20.47 2.68 -39.68
C ASN C 159 21.60 2.59 -38.66
N GLY C 160 21.34 3.11 -37.47
CA GLY C 160 22.36 3.36 -36.47
C GLY C 160 22.50 2.23 -35.47
N SER C 161 22.91 2.60 -34.26
CA SER C 161 23.35 1.63 -33.26
C SER C 161 22.93 1.97 -31.85
N ILE C 162 22.58 0.92 -31.10
CA ILE C 162 22.37 0.99 -29.66
C ILE C 162 23.47 0.16 -28.98
N VAL C 163 24.14 0.79 -28.02
CA VAL C 163 25.18 0.16 -27.22
C VAL C 163 24.67 0.16 -25.79
N VAL C 164 24.50 -1.03 -25.23
CA VAL C 164 24.02 -1.29 -23.88
C VAL C 164 25.17 -1.81 -23.01
N VAL C 165 25.56 -1.00 -22.03
CA VAL C 165 26.61 -1.35 -21.12
C VAL C 165 26.05 -2.20 -19.96
N SER C 166 26.57 -3.42 -19.85
CA SER C 166 26.17 -4.38 -18.82
C SER C 166 27.43 -4.86 -18.09
N SER C 167 27.33 -6.03 -17.48
CA SER C 167 28.28 -6.50 -16.52
C SER C 167 28.45 -8.04 -16.63
N LEU C 168 29.52 -8.58 -16.08
CA LEU C 168 29.60 -10.03 -15.89
C LEU C 168 28.51 -10.57 -14.92
N ALA C 169 28.16 -9.78 -13.91
CA ALA C 169 27.01 -10.11 -13.02
C ALA C 169 25.63 -9.96 -13.67
N GLY C 170 25.62 -9.39 -14.88
CA GLY C 170 24.49 -9.44 -15.82
C GLY C 170 24.45 -10.71 -16.65
N LYS C 171 25.37 -11.64 -16.39
CA LYS C 171 25.44 -12.90 -17.13
C LYS C 171 25.59 -14.08 -16.21
N VAL C 172 26.27 -13.87 -15.09
CA VAL C 172 26.56 -14.89 -14.11
C VAL C 172 26.10 -14.46 -12.72
N ALA C 173 25.62 -15.44 -11.96
CA ALA C 173 25.22 -15.27 -10.56
C ALA C 173 26.37 -14.96 -9.58
N TYR C 174 26.27 -13.80 -8.94
CA TYR C 174 27.16 -13.41 -7.83
C TYR C 174 26.34 -12.98 -6.62
N PRO C 175 26.87 -13.22 -5.40
CA PRO C 175 26.22 -12.69 -4.20
C PRO C 175 26.52 -11.21 -4.00
N MET C 176 25.68 -10.55 -3.21
CA MET C 176 25.82 -9.15 -2.81
C MET C 176 25.48 -8.14 -3.90
N VAL C 177 24.87 -8.60 -5.00
CA VAL C 177 24.49 -7.74 -6.14
C VAL C 177 23.13 -8.18 -6.74
N ALA C 178 22.23 -8.62 -5.89
CA ALA C 178 20.95 -9.15 -6.36
C ALA C 178 20.09 -8.13 -7.13
N ALA C 179 19.82 -6.97 -6.56
CA ALA C 179 19.05 -5.92 -7.27
C ALA C 179 19.76 -5.46 -8.54
N TYR C 180 21.08 -5.32 -8.46
CA TYR C 180 21.94 -4.94 -9.61
C TYR C 180 21.89 -5.97 -10.75
N SER C 181 22.07 -7.24 -10.39
CA SER C 181 21.99 -8.35 -11.35
C SER C 181 20.65 -8.46 -12.05
N ALA C 182 19.57 -8.39 -11.23
CA ALA C 182 18.23 -8.38 -11.77
C ALA C 182 18.09 -7.38 -12.92
N SER C 183 18.58 -6.17 -12.73
CA SER C 183 18.41 -5.08 -13.73
C SER C 183 19.27 -5.30 -14.94
N LYS C 184 20.45 -5.87 -14.75
CA LYS C 184 21.38 -6.15 -15.86
C LYS C 184 20.93 -7.36 -16.70
N PHE C 185 20.45 -8.41 -16.05
CA PHE C 185 19.82 -9.55 -16.76
C PHE C 185 18.61 -9.10 -17.60
N ALA C 186 17.83 -8.17 -17.05
CA ALA C 186 16.63 -7.62 -17.70
C ALA C 186 16.94 -6.94 -19.03
N LEU C 187 18.06 -6.21 -19.02
CA LEU C 187 18.66 -5.66 -20.22
C LEU C 187 18.99 -6.75 -21.23
N ASP C 188 19.66 -7.81 -20.81
CA ASP C 188 19.93 -8.88 -21.74
C ASP C 188 18.63 -9.43 -22.30
N GLY C 189 17.68 -9.71 -21.46
CA GLY C 189 16.43 -10.27 -21.92
C GLY C 189 15.64 -9.37 -22.88
N PHE C 190 15.53 -8.07 -22.53
CA PHE C 190 14.83 -7.12 -23.36
C PHE C 190 15.52 -6.88 -24.71
N PHE C 191 16.75 -6.42 -24.64
CA PHE C 191 17.49 -6.06 -25.81
C PHE C 191 17.84 -7.22 -26.75
N SER C 192 18.06 -8.40 -26.20
CA SER C 192 18.33 -9.56 -27.05
C SER C 192 17.09 -10.01 -27.82
N SER C 193 15.92 -9.79 -27.23
CA SER C 193 14.62 -10.05 -27.85
C SER C 193 14.33 -9.03 -28.98
N ILE C 194 14.54 -7.74 -28.72
CA ILE C 194 14.32 -6.76 -29.77
C ILE C 194 15.36 -6.90 -30.86
N ARG C 195 16.59 -7.27 -30.52
CA ARG C 195 17.54 -7.64 -31.57
C ARG C 195 16.94 -8.74 -32.48
N LYS C 196 16.34 -9.77 -31.88
CA LYS C 196 15.61 -10.82 -32.62
C LYS C 196 14.51 -10.22 -33.50
N GLU C 197 13.72 -9.31 -32.94
CA GLU C 197 12.66 -8.64 -33.69
C GLU C 197 13.21 -7.88 -34.89
N TYR C 198 14.30 -7.16 -34.71
CA TYR C 198 14.84 -6.36 -35.80
C TYR C 198 15.35 -7.19 -36.95
N SER C 199 15.93 -8.34 -36.64
CA SER C 199 16.45 -9.23 -37.67
C SER C 199 15.34 -9.75 -38.57
N VAL C 200 14.24 -10.17 -37.97
CA VAL C 200 13.12 -10.69 -38.72
C VAL C 200 12.33 -9.57 -39.42
N SER C 201 12.15 -8.44 -38.76
CA SER C 201 11.47 -7.33 -39.42
C SER C 201 12.42 -6.48 -40.26
N ARG C 202 13.67 -6.93 -40.41
CA ARG C 202 14.69 -6.23 -41.21
C ARG C 202 14.86 -4.72 -40.88
N VAL C 203 14.98 -4.45 -39.58
CA VAL C 203 15.31 -3.15 -39.09
C VAL C 203 16.82 -3.21 -38.89
N ASN C 204 17.52 -2.35 -39.63
CA ASN C 204 18.96 -2.29 -39.62
C ASN C 204 19.46 -1.30 -38.54
N VAL C 205 19.16 -1.65 -37.30
CA VAL C 205 19.67 -0.97 -36.12
C VAL C 205 20.36 -2.02 -35.28
N SER C 206 21.68 -1.89 -35.10
CA SER C 206 22.44 -2.85 -34.30
C SER C 206 22.23 -2.65 -32.79
N ILE C 207 22.30 -3.76 -32.07
CA ILE C 207 22.23 -3.75 -30.64
C ILE C 207 23.43 -4.55 -30.11
N THR C 208 24.28 -3.85 -29.34
CA THR C 208 25.54 -4.35 -28.88
C THR C 208 25.44 -4.39 -27.34
N LEU C 209 25.60 -5.56 -26.74
CA LEU C 209 25.55 -5.69 -25.30
C LEU C 209 26.95 -5.91 -24.78
N CYS C 210 27.40 -5.03 -23.88
CA CYS C 210 28.77 -5.11 -23.34
C CYS C 210 28.82 -5.77 -21.99
N VAL C 211 29.59 -6.84 -21.92
CA VAL C 211 29.76 -7.61 -20.71
C VAL C 211 31.11 -7.28 -20.13
N LEU C 212 31.08 -6.44 -19.10
CA LEU C 212 32.28 -5.93 -18.49
C LEU C 212 32.65 -6.62 -17.19
N GLY C 213 33.96 -6.84 -17.02
CA GLY C 213 34.50 -7.35 -15.77
C GLY C 213 34.86 -6.14 -14.95
N LEU C 214 35.83 -6.30 -14.04
CA LEU C 214 36.31 -5.17 -13.24
C LEU C 214 37.12 -4.13 -14.04
N ILE C 215 36.62 -2.89 -14.02
CA ILE C 215 37.22 -1.78 -14.70
C ILE C 215 37.57 -0.78 -13.62
N ASP C 216 38.72 -0.11 -13.79
CA ASP C 216 39.31 0.69 -12.73
C ASP C 216 38.71 2.10 -12.54
N THR C 217 37.39 2.21 -12.56
CA THR C 217 36.74 3.49 -12.31
C THR C 217 36.69 3.71 -10.81
N GLU C 218 36.55 4.98 -10.40
CA GLU C 218 36.58 5.30 -8.96
C GLU C 218 35.42 4.66 -8.20
N THR C 219 34.26 4.54 -8.85
CA THR C 219 33.13 3.86 -8.21
C THR C 219 33.42 2.40 -7.93
N ALA C 220 33.91 1.69 -8.95
CA ALA C 220 34.13 0.24 -8.84
C ALA C 220 35.21 -0.06 -7.79
N MET C 221 36.31 0.68 -7.86
CA MET C 221 37.43 0.49 -6.96
C MET C 221 37.03 0.72 -5.50
N LYS C 222 36.26 1.77 -5.25
CA LYS C 222 35.69 2.00 -3.93
C LYS C 222 34.81 0.84 -3.50
N ALA C 223 33.99 0.36 -4.44
CA ALA C 223 33.05 -0.70 -4.13
C ALA C 223 33.76 -1.98 -3.71
N VAL C 224 34.89 -2.28 -4.34
CA VAL C 224 35.58 -3.57 -4.13
C VAL C 224 36.79 -3.56 -3.16
N SER C 225 36.82 -2.61 -2.23
CA SER C 225 37.80 -2.62 -1.12
C SER C 225 38.12 -4.02 -0.53
N GLY C 226 37.11 -4.86 -0.33
CA GLY C 226 37.32 -6.25 0.13
C GLY C 226 37.63 -7.19 -1.04
N MET C 230 41.53 -9.65 -8.16
CA MET C 230 41.67 -9.43 -9.59
C MET C 230 42.21 -8.02 -9.80
N GLN C 231 43.01 -7.85 -10.86
CA GLN C 231 43.56 -6.54 -11.26
C GLN C 231 42.57 -5.91 -12.23
N ALA C 232 42.08 -4.73 -11.86
CA ALA C 232 41.12 -3.99 -12.65
C ALA C 232 41.68 -3.56 -14.03
N ALA C 233 40.79 -3.48 -15.01
CA ALA C 233 41.16 -3.12 -16.37
C ALA C 233 41.09 -1.62 -16.50
N PRO C 234 41.87 -1.03 -17.44
CA PRO C 234 41.81 0.43 -17.64
C PRO C 234 40.50 0.88 -18.27
N LYS C 235 39.94 1.95 -17.73
CA LYS C 235 38.70 2.51 -18.23
C LYS C 235 38.82 3.20 -19.60
N GLU C 236 40.05 3.60 -19.96
CA GLU C 236 40.35 4.22 -21.25
C GLU C 236 40.23 3.19 -22.37
N GLU C 237 40.81 2.00 -22.14
CA GLU C 237 40.79 0.89 -23.09
C GLU C 237 39.39 0.24 -23.17
N CYS C 238 38.74 0.13 -22.02
CA CYS C 238 37.38 -0.36 -21.97
C CYS C 238 36.48 0.47 -22.85
N ALA C 239 36.52 1.79 -22.61
CA ALA C 239 35.68 2.73 -23.35
C ALA C 239 35.83 2.53 -24.86
N LEU C 240 37.06 2.30 -25.30
CA LEU C 240 37.38 2.21 -26.72
C LEU C 240 36.89 0.94 -27.35
N GLU C 241 37.06 -0.19 -26.68
CA GLU C 241 36.60 -1.50 -27.17
C GLU C 241 35.06 -1.59 -27.19
N ILE C 242 34.41 -0.88 -26.27
CA ILE C 242 32.97 -0.70 -26.33
C ILE C 242 32.53 0.09 -27.58
N ILE C 243 33.10 1.27 -27.78
CA ILE C 243 32.82 2.05 -28.99
C ILE C 243 33.13 1.23 -30.26
N LYS C 244 34.28 0.55 -30.25
CA LYS C 244 34.69 -0.32 -31.36
C LYS C 244 33.60 -1.35 -31.69
N GLY C 245 33.05 -2.00 -30.67
CA GLY C 245 32.06 -3.02 -30.87
C GLY C 245 30.77 -2.47 -31.42
N GLY C 246 30.37 -1.29 -30.96
CA GLY C 246 29.15 -0.65 -31.43
C GLY C 246 29.28 -0.25 -32.89
N ALA C 247 30.46 0.23 -33.27
CA ALA C 247 30.72 0.65 -34.66
C ALA C 247 30.82 -0.55 -35.59
N LEU C 248 31.42 -1.65 -35.12
CA LEU C 248 31.43 -2.90 -35.86
C LEU C 248 30.10 -3.68 -35.85
N ARG C 249 29.09 -3.12 -35.19
CA ARG C 249 27.76 -3.74 -35.08
C ARG C 249 27.81 -5.15 -34.48
N GLN C 250 28.70 -5.39 -33.52
CA GLN C 250 28.77 -6.68 -32.83
C GLN C 250 27.60 -6.84 -31.87
N GLU C 251 27.09 -8.06 -31.73
CA GLU C 251 26.00 -8.32 -30.78
C GLU C 251 26.48 -8.21 -29.35
N GLU C 252 27.63 -8.81 -29.04
CA GLU C 252 28.26 -8.69 -27.71
C GLU C 252 29.73 -8.28 -27.76
N VAL C 253 30.14 -7.55 -26.72
CA VAL C 253 31.50 -7.12 -26.51
C VAL C 253 31.91 -7.64 -25.15
N TYR C 254 32.99 -8.40 -25.08
CA TYR C 254 33.48 -8.84 -23.77
C TYR C 254 34.69 -8.02 -23.41
N TYR C 255 34.70 -7.44 -22.20
CA TYR C 255 35.90 -6.76 -21.72
C TYR C 255 36.00 -6.72 -20.19
N ASP C 256 37.11 -7.20 -19.62
CA ASP C 256 38.32 -7.60 -20.34
C ASP C 256 38.08 -8.72 -21.36
N SER C 257 38.80 -8.64 -22.47
CA SER C 257 38.62 -9.53 -23.60
C SER C 257 38.60 -11.03 -23.23
N SER C 258 39.50 -11.42 -22.32
CA SER C 258 39.55 -12.79 -21.74
C SER C 258 38.27 -13.35 -21.08
N LEU C 259 37.22 -12.55 -20.96
CA LEU C 259 35.94 -13.03 -20.42
C LEU C 259 35.26 -14.02 -21.37
N TRP C 260 35.35 -13.75 -22.67
CA TRP C 260 34.73 -14.59 -23.69
C TRP C 260 34.96 -16.09 -23.46
N THR C 261 36.12 -16.45 -22.89
CA THR C 261 36.45 -17.83 -22.58
C THR C 261 35.63 -18.36 -21.40
N THR C 262 35.63 -17.62 -20.29
CA THR C 262 34.81 -17.93 -19.10
C THR C 262 33.31 -17.97 -19.44
N LEU C 263 32.85 -17.03 -20.25
CA LEU C 263 31.43 -16.94 -20.54
C LEU C 263 30.98 -17.98 -21.53
N LEU C 264 31.65 -18.05 -22.68
CA LEU C 264 31.15 -18.81 -23.81
C LEU C 264 31.63 -20.26 -23.83
N ILE C 265 32.59 -20.61 -22.98
CA ILE C 265 33.24 -21.91 -23.05
C ILE C 265 33.35 -22.54 -21.66
N ARG C 266 33.97 -21.84 -20.71
CA ARG C 266 34.12 -22.37 -19.36
C ARG C 266 32.75 -22.60 -18.70
N ASN C 267 32.14 -21.52 -18.20
CA ASN C 267 30.88 -21.53 -17.42
C ASN C 267 29.77 -22.47 -17.92
N PRO C 268 29.52 -22.53 -19.24
CA PRO C 268 28.65 -23.55 -19.80
C PRO C 268 29.23 -24.96 -19.77
N MET D 22 18.21 -38.65 -2.88
CA MET D 22 16.82 -38.77 -2.31
C MET D 22 15.65 -38.76 -3.34
N GLU D 23 14.91 -39.86 -3.40
CA GLU D 23 13.95 -40.14 -4.46
C GLU D 23 12.65 -39.40 -4.11
N PHE D 24 12.05 -38.69 -5.06
CA PHE D 24 10.78 -38.06 -4.76
C PHE D 24 9.76 -39.09 -4.24
N ARG D 25 9.12 -38.80 -3.11
CA ARG D 25 7.96 -39.56 -2.65
C ARG D 25 6.88 -38.53 -2.50
N PRO D 26 5.64 -38.84 -2.89
CA PRO D 26 4.54 -37.93 -2.60
C PRO D 26 4.38 -37.57 -1.14
N GLU D 27 4.77 -38.48 -0.24
CA GLU D 27 4.65 -38.27 1.21
C GLU D 27 5.52 -37.12 1.67
N MET D 28 6.46 -36.67 0.84
CA MET D 28 7.28 -35.50 1.14
C MET D 28 6.49 -34.21 1.31
N LEU D 29 5.30 -34.14 0.72
CA LEU D 29 4.42 -32.96 0.84
C LEU D 29 3.27 -33.12 1.88
N GLN D 30 3.13 -34.33 2.43
CA GLN D 30 2.05 -34.56 3.36
C GLN D 30 2.28 -33.63 4.58
N GLY D 31 1.24 -32.86 4.93
CA GLY D 31 1.30 -31.95 6.05
C GLY D 31 2.13 -30.71 5.86
N LYS D 32 2.68 -30.53 4.63
CA LYS D 32 3.44 -29.32 4.28
C LYS D 32 2.54 -28.16 3.92
N LYS D 33 3.07 -26.97 4.16
CA LYS D 33 2.33 -25.74 4.14
C LYS D 33 2.83 -24.95 2.94
N VAL D 34 1.97 -24.88 1.92
CA VAL D 34 2.34 -24.40 0.60
C VAL D 34 1.41 -23.30 0.11
N ILE D 35 2.04 -22.21 -0.28
CA ILE D 35 1.40 -21.14 -1.08
C ILE D 35 1.61 -21.41 -2.57
N VAL D 36 0.51 -21.27 -3.31
CA VAL D 36 0.53 -21.32 -4.75
C VAL D 36 -0.12 -20.05 -5.29
N THR D 37 0.69 -19.23 -5.98
CA THR D 37 0.19 -18.05 -6.61
C THR D 37 -0.22 -18.40 -8.04
N GLY D 38 -1.05 -17.55 -8.63
CA GLY D 38 -1.60 -17.82 -9.96
C GLY D 38 -2.26 -19.20 -10.04
N ALA D 39 -3.11 -19.49 -9.05
CA ALA D 39 -3.62 -20.84 -8.83
C ALA D 39 -5.08 -21.04 -9.20
N SER D 40 -5.67 -20.06 -9.89
CA SER D 40 -7.05 -20.14 -10.31
C SER D 40 -7.15 -20.93 -11.61
N LYS D 41 -6.06 -21.01 -12.37
CA LYS D 41 -6.05 -21.84 -13.58
C LYS D 41 -4.63 -22.25 -14.02
N GLY D 42 -4.55 -22.90 -15.17
CA GLY D 42 -3.28 -23.34 -15.77
C GLY D 42 -2.40 -24.19 -14.85
N ILE D 43 -1.11 -23.93 -14.84
CA ILE D 43 -0.18 -24.79 -14.12
C ILE D 43 -0.36 -24.65 -12.59
N GLY D 44 -0.77 -23.48 -12.14
CA GLY D 44 -0.82 -23.21 -10.67
C GLY D 44 -1.97 -23.99 -10.07
N ARG D 45 -3.10 -24.00 -10.78
CA ARG D 45 -4.23 -24.84 -10.41
C ARG D 45 -3.90 -26.31 -10.31
N GLU D 46 -3.18 -26.85 -11.30
CA GLU D 46 -2.72 -28.26 -11.29
C GLU D 46 -1.76 -28.53 -10.16
N MET D 47 -0.92 -27.56 -9.79
CA MET D 47 -0.08 -27.72 -8.62
C MET D 47 -0.91 -27.79 -7.37
N ALA D 48 -1.86 -26.89 -7.20
CA ALA D 48 -2.71 -26.96 -5.99
C ALA D 48 -3.34 -28.35 -5.87
N TYR D 49 -3.82 -28.90 -6.99
CA TYR D 49 -4.47 -30.20 -6.98
C TYR D 49 -3.51 -31.32 -6.64
N HIS D 50 -2.31 -31.29 -7.25
CA HIS D 50 -1.28 -32.27 -6.89
C HIS D 50 -0.97 -32.21 -5.40
N LEU D 51 -0.80 -30.99 -4.89
CA LEU D 51 -0.45 -30.78 -3.49
C LEU D 51 -1.54 -31.31 -2.57
N ALA D 52 -2.79 -31.04 -2.96
CA ALA D 52 -3.98 -31.53 -2.27
C ALA D 52 -4.05 -33.05 -2.20
N LYS D 53 -3.80 -33.72 -3.34
CA LYS D 53 -3.80 -35.18 -3.39
C LYS D 53 -2.69 -35.73 -2.50
N MET D 54 -1.61 -34.99 -2.36
CA MET D 54 -0.53 -35.37 -1.47
C MET D 54 -0.85 -35.05 0.01
N GLY D 55 -1.95 -34.35 0.28
CA GLY D 55 -2.34 -34.11 1.66
C GLY D 55 -1.60 -32.96 2.29
N ALA D 56 -1.10 -32.05 1.45
CA ALA D 56 -0.55 -30.78 1.93
C ALA D 56 -1.63 -29.79 2.41
N HIS D 57 -1.18 -28.77 3.15
CA HIS D 57 -1.93 -27.56 3.36
C HIS D 57 -1.63 -26.66 2.18
N VAL D 58 -2.66 -26.05 1.60
CA VAL D 58 -2.44 -25.09 0.54
C VAL D 58 -3.20 -23.82 0.84
N VAL D 59 -2.58 -22.73 0.46
CA VAL D 59 -3.25 -21.45 0.30
C VAL D 59 -3.02 -21.00 -1.15
N VAL D 60 -4.13 -20.76 -1.86
CA VAL D 60 -4.11 -20.33 -3.25
C VAL D 60 -4.53 -18.86 -3.47
N THR D 61 -3.92 -18.23 -4.49
CA THR D 61 -4.25 -16.85 -4.82
C THR D 61 -4.24 -16.60 -6.32
N ALA D 62 -5.06 -15.61 -6.66
CA ALA D 62 -5.23 -15.08 -7.99
C ALA D 62 -6.25 -13.96 -7.76
N ARG D 63 -6.69 -13.26 -8.81
CA ARG D 63 -7.62 -12.19 -8.66
C ARG D 63 -9.04 -12.68 -8.59
N SER D 64 -9.32 -13.89 -9.05
CA SER D 64 -10.72 -14.32 -9.20
C SER D 64 -11.27 -15.16 -8.06
N LYS D 65 -12.01 -14.49 -7.20
CA LYS D 65 -12.67 -15.10 -6.06
C LYS D 65 -13.48 -16.36 -6.38
N GLU D 66 -14.34 -16.29 -7.40
CA GLU D 66 -15.21 -17.42 -7.72
C GLU D 66 -14.43 -18.60 -8.26
N THR D 67 -13.45 -18.33 -9.11
CA THR D 67 -12.65 -19.44 -9.62
C THR D 67 -11.79 -20.07 -8.49
N LEU D 68 -11.26 -19.23 -7.58
CA LEU D 68 -10.47 -19.73 -6.42
C LEU D 68 -11.30 -20.60 -5.48
N GLN D 69 -12.54 -20.19 -5.19
CA GLN D 69 -13.48 -21.03 -4.41
C GLN D 69 -13.58 -22.45 -5.00
N LYS D 70 -13.76 -22.56 -6.32
CA LYS D 70 -13.85 -23.85 -7.00
C LYS D 70 -12.57 -24.65 -6.82
N VAL D 71 -11.43 -23.98 -6.87
CA VAL D 71 -10.17 -24.67 -6.73
C VAL D 71 -10.09 -25.19 -5.30
N VAL D 72 -10.45 -24.36 -4.32
CA VAL D 72 -10.42 -24.77 -2.92
C VAL D 72 -11.37 -25.91 -2.62
N SER D 73 -12.60 -25.89 -3.13
CA SER D 73 -13.51 -27.05 -2.96
C SER D 73 -12.90 -28.34 -3.49
N HIS D 74 -12.31 -28.28 -4.68
CA HIS D 74 -11.72 -29.49 -5.28
C HIS D 74 -10.51 -30.01 -4.52
N CYS D 75 -9.65 -29.12 -4.06
CA CYS D 75 -8.52 -29.46 -3.20
C CYS D 75 -8.92 -30.18 -1.91
N LEU D 76 -9.97 -29.68 -1.26
CA LEU D 76 -10.56 -30.37 -0.11
C LEU D 76 -11.08 -31.75 -0.51
N GLU D 77 -11.79 -31.87 -1.64
CA GLU D 77 -12.27 -33.18 -2.10
C GLU D 77 -11.10 -34.15 -2.34
N LEU D 78 -9.99 -33.64 -2.84
CA LEU D 78 -8.82 -34.47 -3.20
C LEU D 78 -7.99 -34.94 -2.02
N GLY D 79 -8.21 -34.33 -0.86
CA GLY D 79 -7.58 -34.75 0.39
C GLY D 79 -6.59 -33.77 0.98
N ALA D 80 -6.78 -32.48 0.71
CA ALA D 80 -5.86 -31.50 1.27
C ALA D 80 -6.02 -31.54 2.79
N ALA D 81 -4.91 -31.43 3.49
CA ALA D 81 -4.91 -31.22 4.93
C ALA D 81 -5.70 -29.97 5.25
N SER D 82 -5.51 -28.92 4.48
CA SER D 82 -6.39 -27.76 4.53
C SER D 82 -6.30 -26.98 3.22
N ALA D 83 -7.29 -26.15 2.95
CA ALA D 83 -7.24 -25.32 1.77
C ALA D 83 -8.03 -24.04 1.98
N HIS D 84 -7.40 -22.93 1.61
CA HIS D 84 -8.00 -21.60 1.67
C HIS D 84 -7.56 -20.80 0.42
N TYR D 85 -8.33 -19.79 0.03
CA TYR D 85 -7.87 -18.81 -0.94
C TYR D 85 -7.90 -17.39 -0.37
N ILE D 86 -7.15 -16.52 -1.03
CA ILE D 86 -7.14 -15.10 -0.80
C ILE D 86 -7.06 -14.44 -2.17
N ALA D 87 -8.05 -13.64 -2.50
CA ALA D 87 -8.10 -13.03 -3.84
C ALA D 87 -7.46 -11.66 -3.84
N GLY D 88 -6.73 -11.31 -4.88
CA GLY D 88 -6.20 -9.93 -5.00
C GLY D 88 -5.16 -9.85 -6.10
N THR D 89 -4.74 -8.62 -6.44
CA THR D 89 -3.81 -8.42 -7.55
C THR D 89 -2.36 -8.19 -7.06
N MET D 90 -1.45 -8.98 -7.65
CA MET D 90 -0.02 -8.85 -7.44
C MET D 90 0.57 -7.64 -8.11
N GLU D 91 -0.28 -6.82 -8.72
CA GLU D 91 0.09 -5.42 -9.05
C GLU D 91 0.24 -4.58 -7.78
N ASP D 92 -0.40 -5.03 -6.71
CA ASP D 92 -0.49 -4.26 -5.47
C ASP D 92 0.45 -4.92 -4.48
N MET D 93 1.54 -4.22 -4.18
CA MET D 93 2.60 -4.77 -3.32
C MET D 93 2.17 -4.83 -1.87
N THR D 94 1.26 -3.93 -1.48
CA THR D 94 0.60 -4.03 -0.17
C THR D 94 -0.21 -5.33 -0.01
N PHE D 95 -0.94 -5.71 -1.04
CA PHE D 95 -1.70 -6.95 -1.01
C PHE D 95 -0.73 -8.12 -1.00
N ALA D 96 0.32 -8.02 -1.80
CA ALA D 96 1.29 -9.11 -1.78
C ALA D 96 1.85 -9.41 -0.38
N GLU D 97 2.20 -8.37 0.41
CA GLU D 97 2.76 -8.54 1.79
C GLU D 97 1.72 -9.05 2.78
N GLN D 98 0.52 -8.46 2.74
CA GLN D 98 -0.55 -8.89 3.64
C GLN D 98 -1.06 -10.30 3.31
N PHE D 99 -1.08 -10.64 2.04
CA PHE D 99 -1.37 -11.98 1.63
C PHE D 99 -0.47 -13.04 2.32
N VAL D 100 0.81 -12.78 2.32
CA VAL D 100 1.71 -13.74 2.92
C VAL D 100 1.51 -13.87 4.43
N ALA D 101 1.34 -12.74 5.12
CA ALA D 101 1.00 -12.77 6.53
C ALA D 101 -0.30 -13.58 6.73
N GLN D 102 -1.33 -13.35 5.94
CA GLN D 102 -2.60 -14.02 6.18
C GLN D 102 -2.50 -15.52 5.87
N ALA D 103 -1.84 -15.88 4.77
CA ALA D 103 -1.62 -17.29 4.40
C ALA D 103 -0.87 -18.07 5.47
N GLY D 104 0.21 -17.49 5.97
CA GLY D 104 0.99 -18.09 7.04
C GLY D 104 0.15 -18.37 8.27
N LYS D 105 -0.70 -17.42 8.65
CA LYS D 105 -1.58 -17.62 9.80
C LYS D 105 -2.62 -18.70 9.51
N LEU D 106 -3.19 -18.70 8.31
CA LEU D 106 -4.16 -19.79 7.96
C LEU D 106 -3.57 -21.19 8.16
N MET D 107 -2.29 -21.34 7.80
CA MET D 107 -1.61 -22.64 7.81
C MET D 107 -0.83 -22.90 9.09
N GLY D 108 -0.50 -21.86 9.83
CA GLY D 108 0.35 -22.03 11.01
C GLY D 108 1.81 -22.20 10.62
N GLY D 109 2.17 -21.64 9.46
CA GLY D 109 3.54 -21.57 9.02
C GLY D 109 3.60 -21.66 7.53
N LEU D 110 4.81 -21.82 7.02
CA LEU D 110 5.10 -21.93 5.56
C LEU D 110 6.35 -22.74 5.31
N ASP D 111 6.21 -23.77 4.47
CA ASP D 111 7.31 -24.62 4.05
C ASP D 111 7.77 -24.36 2.60
N MET D 112 6.85 -23.90 1.73
CA MET D 112 7.10 -23.77 0.29
C MET D 112 6.29 -22.63 -0.30
N LEU D 113 6.99 -21.76 -1.02
CA LEU D 113 6.41 -20.61 -1.67
C LEU D 113 6.57 -20.80 -3.13
N ILE D 114 5.45 -21.04 -3.83
CA ILE D 114 5.42 -21.22 -5.28
C ILE D 114 4.93 -19.97 -5.99
N LEU D 115 5.87 -19.33 -6.68
CA LEU D 115 5.65 -18.06 -7.33
C LEU D 115 5.50 -18.35 -8.78
N ASN D 116 4.25 -18.21 -9.24
CA ASN D 116 3.80 -18.78 -10.51
C ASN D 116 2.98 -17.80 -11.31
N HIS D 117 2.33 -16.83 -10.66
CA HIS D 117 1.50 -15.86 -11.34
C HIS D 117 2.25 -14.98 -12.41
N ILE D 118 1.47 -14.49 -13.35
CA ILE D 118 2.00 -13.74 -14.47
C ILE D 118 0.97 -12.72 -14.90
N THR D 119 1.40 -11.51 -15.27
CA THR D 119 0.48 -10.56 -15.94
C THR D 119 0.17 -10.99 -17.37
N ASN D 120 -1.01 -10.57 -17.80
CA ASN D 120 -1.55 -10.88 -19.15
C ASN D 120 -0.64 -10.41 -20.30
N THR D 121 -0.28 -11.35 -21.17
CA THR D 121 0.75 -11.15 -22.17
C THR D 121 0.41 -11.91 -23.44
N SER D 122 0.57 -11.23 -24.58
CA SER D 122 0.38 -11.83 -25.90
C SER D 122 1.63 -11.57 -26.71
N LEU D 123 1.75 -12.27 -27.83
CA LEU D 123 2.89 -12.12 -28.74
C LEU D 123 2.72 -10.89 -29.60
N ASN D 124 3.59 -9.92 -29.41
CA ASN D 124 3.65 -8.78 -30.36
C ASN D 124 5.08 -8.29 -30.43
N LEU D 125 5.43 -7.69 -31.54
CA LEU D 125 6.63 -6.91 -31.66
C LEU D 125 6.59 -5.67 -30.76
N PHE D 126 7.73 -5.28 -30.25
CA PHE D 126 7.76 -4.19 -29.31
C PHE D 126 7.77 -2.88 -30.08
N HIS D 127 6.88 -1.96 -29.72
CA HIS D 127 6.89 -0.64 -30.29
C HIS D 127 7.17 0.45 -29.25
N ASP D 128 6.19 0.77 -28.44
CA ASP D 128 6.42 1.84 -27.49
C ASP D 128 5.61 1.66 -26.24
N ASP D 129 5.39 0.40 -25.89
CA ASP D 129 4.41 0.08 -24.85
C ASP D 129 5.15 -0.04 -23.54
N ILE D 130 5.55 1.11 -23.03
CA ILE D 130 6.30 1.19 -21.80
C ILE D 130 5.43 0.77 -20.63
N HIS D 131 4.13 1.00 -20.71
CA HIS D 131 3.20 0.56 -19.68
C HIS D 131 3.25 -0.96 -19.56
N HIS D 132 3.35 -1.64 -20.69
CA HIS D 132 3.45 -3.10 -20.66
C HIS D 132 4.80 -3.60 -20.10
N VAL D 133 5.90 -2.93 -20.44
CA VAL D 133 7.22 -3.24 -19.84
C VAL D 133 7.20 -3.03 -18.29
N ARG D 134 6.72 -1.87 -17.83
CA ARG D 134 6.66 -1.61 -16.38
C ARG D 134 5.72 -2.58 -15.66
N LYS D 135 4.54 -2.87 -16.23
CA LYS D 135 3.58 -3.78 -15.60
C LYS D 135 4.11 -5.24 -15.57
N SER D 136 4.74 -5.70 -16.65
CA SER D 136 5.41 -6.99 -16.61
C SER D 136 6.45 -7.04 -15.49
N MET D 137 7.21 -5.99 -15.32
CA MET D 137 8.27 -6.00 -14.31
C MET D 137 7.70 -5.93 -12.91
N GLU D 138 6.61 -5.18 -12.70
CA GLU D 138 5.94 -5.19 -11.38
C GLU D 138 5.31 -6.54 -11.02
N VAL D 139 4.51 -7.09 -11.93
CA VAL D 139 3.76 -8.30 -11.62
C VAL D 139 4.62 -9.54 -11.75
N ASN D 140 5.39 -9.63 -12.81
CA ASN D 140 6.13 -10.85 -13.07
C ASN D 140 7.37 -10.98 -12.23
N PHE D 141 7.94 -9.84 -11.83
CA PHE D 141 9.20 -9.82 -11.09
C PHE D 141 9.13 -9.13 -9.72
N LEU D 142 8.74 -7.86 -9.66
CA LEU D 142 8.81 -7.17 -8.36
C LEU D 142 7.97 -7.87 -7.27
N SER D 143 6.77 -8.34 -7.63
CA SER D 143 5.90 -9.00 -6.66
C SER D 143 6.51 -10.29 -6.12
N TYR D 144 7.29 -11.00 -6.92
CA TYR D 144 7.94 -12.19 -6.48
C TYR D 144 8.96 -11.83 -5.39
N VAL D 145 9.63 -10.68 -5.55
CA VAL D 145 10.59 -10.20 -4.54
C VAL D 145 9.90 -9.82 -3.24
N VAL D 146 8.84 -9.03 -3.36
CA VAL D 146 7.99 -8.66 -2.23
C VAL D 146 7.46 -9.91 -1.44
N LEU D 147 6.87 -10.85 -2.15
CA LEU D 147 6.38 -12.09 -1.56
C LEU D 147 7.51 -12.87 -0.83
N THR D 148 8.66 -12.98 -1.47
CA THR D 148 9.78 -13.71 -0.87
C THR D 148 10.24 -13.03 0.44
N VAL D 149 10.33 -11.70 0.43
CA VAL D 149 10.70 -10.94 1.63
C VAL D 149 9.72 -11.20 2.78
N ALA D 150 8.44 -11.12 2.47
CA ALA D 150 7.37 -11.30 3.42
C ALA D 150 7.42 -12.70 3.97
N ALA D 151 7.84 -13.64 3.12
CA ALA D 151 7.77 -15.05 3.44
C ALA D 151 9.02 -15.64 4.09
N LEU D 152 10.15 -14.97 3.99
CA LEU D 152 11.39 -15.54 4.41
C LEU D 152 11.46 -15.94 5.92
N PRO D 153 11.00 -15.07 6.84
CA PRO D 153 11.10 -15.52 8.23
C PRO D 153 10.46 -16.90 8.46
N MET D 154 9.26 -17.15 7.95
CA MET D 154 8.66 -18.47 8.08
C MET D 154 9.42 -19.54 7.34
N LEU D 155 9.95 -19.21 6.15
CA LEU D 155 10.75 -20.20 5.39
C LEU D 155 12.04 -20.55 6.11
N LYS D 156 12.64 -19.55 6.77
CA LYS D 156 13.80 -19.78 7.60
C LYS D 156 13.49 -20.70 8.77
N GLN D 157 12.32 -20.57 9.40
CA GLN D 157 12.05 -21.48 10.51
C GLN D 157 11.70 -22.89 10.05
N SER D 158 11.18 -23.04 8.85
CA SER D 158 10.83 -24.33 8.33
C SER D 158 11.99 -24.98 7.63
N ASN D 159 13.11 -24.28 7.45
CA ASN D 159 14.11 -24.63 6.42
C ASN D 159 13.45 -24.88 5.03
N GLY D 160 12.57 -23.98 4.64
CA GLY D 160 11.68 -24.18 3.52
C GLY D 160 12.25 -23.95 2.14
N SER D 161 11.35 -23.74 1.20
CA SER D 161 11.73 -23.69 -0.22
C SER D 161 10.98 -22.62 -0.97
N ILE D 162 11.69 -21.96 -1.90
CA ILE D 162 11.09 -21.01 -2.82
C ILE D 162 11.16 -21.59 -4.22
N VAL D 163 10.04 -21.59 -4.92
CA VAL D 163 9.99 -22.11 -6.25
C VAL D 163 9.51 -20.99 -7.18
N VAL D 164 10.35 -20.68 -8.18
CA VAL D 164 10.10 -19.58 -9.07
C VAL D 164 9.87 -20.13 -10.47
N VAL D 165 8.69 -19.83 -11.06
CA VAL D 165 8.34 -20.39 -12.36
C VAL D 165 8.77 -19.40 -13.43
N SER D 166 9.68 -19.88 -14.31
CA SER D 166 10.23 -19.05 -15.36
C SER D 166 9.89 -19.73 -16.68
N SER D 167 10.73 -19.49 -17.67
CA SER D 167 10.39 -19.74 -19.04
C SER D 167 11.66 -19.97 -19.81
N LEU D 168 11.62 -20.77 -20.84
CA LEU D 168 12.76 -20.84 -21.75
C LEU D 168 13.16 -19.45 -22.31
N ALA D 169 12.15 -18.59 -22.51
CA ALA D 169 12.34 -17.21 -22.96
C ALA D 169 12.94 -16.29 -21.87
N GLY D 170 13.04 -16.80 -20.63
CA GLY D 170 13.84 -16.20 -19.60
C GLY D 170 15.24 -16.76 -19.54
N LYS D 171 15.65 -17.52 -20.58
CA LYS D 171 17.03 -18.03 -20.70
C LYS D 171 17.61 -17.76 -22.08
N VAL D 172 16.73 -17.80 -23.09
CA VAL D 172 17.11 -17.68 -24.48
C VAL D 172 16.25 -16.61 -25.11
N ALA D 173 16.82 -15.95 -26.14
CA ALA D 173 16.19 -14.83 -26.80
C ALA D 173 15.20 -15.28 -27.86
N TYR D 174 13.96 -14.78 -27.76
CA TYR D 174 12.97 -14.94 -28.82
C TYR D 174 12.45 -13.56 -29.18
N PRO D 175 11.92 -13.38 -30.40
CA PRO D 175 11.17 -12.16 -30.69
C PRO D 175 9.74 -12.21 -30.12
N MET D 176 9.14 -11.03 -30.04
CA MET D 176 7.76 -10.85 -29.64
C MET D 176 7.43 -11.08 -28.16
N VAL D 177 8.46 -11.00 -27.34
CA VAL D 177 8.36 -11.24 -25.89
C VAL D 177 9.41 -10.42 -25.15
N ALA D 178 9.68 -9.21 -25.64
CA ALA D 178 10.73 -8.35 -25.07
C ALA D 178 10.49 -8.07 -23.61
N ALA D 179 9.32 -7.53 -23.26
CA ALA D 179 9.00 -7.22 -21.86
C ALA D 179 8.91 -8.43 -21.04
N TYR D 180 8.27 -9.46 -21.59
CA TYR D 180 8.11 -10.72 -20.89
C TYR D 180 9.46 -11.33 -20.54
N SER D 181 10.33 -11.39 -21.53
CA SER D 181 11.68 -11.96 -21.35
C SER D 181 12.47 -11.16 -20.33
N ALA D 182 12.40 -9.84 -20.42
CA ALA D 182 13.09 -8.95 -19.44
C ALA D 182 12.75 -9.33 -18.00
N SER D 183 11.46 -9.55 -17.75
CA SER D 183 10.98 -9.85 -16.39
C SER D 183 11.44 -11.22 -15.93
N LYS D 184 11.46 -12.18 -16.85
CA LYS D 184 11.84 -13.55 -16.52
C LYS D 184 13.37 -13.66 -16.36
N PHE D 185 14.10 -12.93 -17.18
CA PHE D 185 15.56 -12.79 -17.01
C PHE D 185 15.89 -12.12 -15.68
N ALA D 186 15.10 -11.09 -15.30
CA ALA D 186 15.30 -10.44 -14.01
C ALA D 186 15.18 -11.44 -12.85
N LEU D 187 14.22 -12.34 -12.96
CA LEU D 187 14.01 -13.33 -11.89
C LEU D 187 15.23 -14.21 -11.73
N ASP D 188 15.79 -14.66 -12.85
CA ASP D 188 17.06 -15.40 -12.79
C ASP D 188 18.18 -14.62 -12.09
N GLY D 189 18.42 -13.39 -12.53
CA GLY D 189 19.45 -12.55 -11.96
C GLY D 189 19.29 -12.36 -10.45
N PHE D 190 18.06 -12.09 -10.00
CA PHE D 190 17.83 -11.80 -8.60
C PHE D 190 17.90 -13.04 -7.76
N PHE D 191 17.16 -14.06 -8.16
CA PHE D 191 17.02 -15.25 -7.35
C PHE D 191 18.28 -16.13 -7.32
N SER D 192 19.05 -16.13 -8.41
CA SER D 192 20.31 -16.86 -8.43
C SER D 192 21.35 -16.12 -7.62
N SER D 193 21.16 -14.81 -7.50
CA SER D 193 22.07 -14.04 -6.67
C SER D 193 21.74 -14.27 -5.19
N ILE D 194 20.46 -14.18 -4.80
CA ILE D 194 20.15 -14.46 -3.41
C ILE D 194 20.47 -15.91 -3.03
N ARG D 195 20.30 -16.85 -3.95
CA ARG D 195 20.75 -18.24 -3.72
C ARG D 195 22.20 -18.38 -3.27
N LYS D 196 23.08 -17.64 -3.92
CA LYS D 196 24.49 -17.56 -3.55
C LYS D 196 24.66 -16.90 -2.18
N GLU D 197 23.86 -15.88 -1.93
CA GLU D 197 23.89 -15.20 -0.64
C GLU D 197 23.53 -16.22 0.45
N TYR D 198 22.45 -16.97 0.25
CA TYR D 198 21.92 -17.88 1.25
C TYR D 198 22.90 -19.00 1.58
N SER D 199 23.63 -19.45 0.56
CA SER D 199 24.65 -20.51 0.73
C SER D 199 25.82 -20.07 1.62
N VAL D 200 26.23 -18.82 1.43
CA VAL D 200 27.38 -18.27 2.10
C VAL D 200 26.94 -17.79 3.46
N SER D 201 25.75 -17.21 3.54
CA SER D 201 25.21 -16.75 4.85
C SER D 201 24.51 -17.90 5.59
N ARG D 202 24.77 -19.14 5.19
CA ARG D 202 24.16 -20.35 5.74
C ARG D 202 22.68 -20.14 6.14
N VAL D 203 21.87 -19.64 5.20
CA VAL D 203 20.42 -19.59 5.32
C VAL D 203 19.88 -20.82 4.56
N ASN D 204 19.31 -21.80 5.26
CA ASN D 204 18.92 -23.08 4.65
C ASN D 204 17.51 -23.02 4.07
N VAL D 205 17.37 -22.12 3.11
CA VAL D 205 16.16 -21.99 2.31
C VAL D 205 16.55 -22.22 0.85
N SER D 206 15.98 -23.27 0.26
CA SER D 206 16.25 -23.57 -1.17
C SER D 206 15.53 -22.61 -2.15
N ILE D 207 16.12 -22.41 -3.32
CA ILE D 207 15.55 -21.65 -4.40
C ILE D 207 15.62 -22.42 -5.73
N THR D 208 14.45 -22.79 -6.25
CA THR D 208 14.33 -23.58 -7.42
C THR D 208 13.82 -22.70 -8.56
N LEU D 209 14.58 -22.58 -9.65
CA LEU D 209 14.05 -21.83 -10.82
C LEU D 209 13.59 -22.82 -11.87
N CYS D 210 12.37 -22.67 -12.34
CA CYS D 210 11.82 -23.58 -13.32
C CYS D 210 11.83 -22.97 -14.73
N VAL D 211 12.48 -23.66 -15.65
CA VAL D 211 12.53 -23.25 -17.05
C VAL D 211 11.59 -24.12 -17.88
N LEU D 212 10.48 -23.53 -18.30
CA LEU D 212 9.40 -24.22 -18.95
C LEU D 212 9.30 -23.93 -20.46
N GLY D 213 9.09 -25.01 -21.25
CA GLY D 213 8.73 -24.93 -22.66
C GLY D 213 7.27 -24.55 -22.84
N LEU D 214 6.72 -24.77 -24.05
CA LEU D 214 5.27 -24.70 -24.29
C LEU D 214 4.48 -25.74 -23.46
N ILE D 215 3.62 -25.24 -22.56
CA ILE D 215 2.67 -26.03 -21.75
C ILE D 215 1.23 -25.75 -22.19
N ASP D 216 0.36 -26.78 -22.15
CA ASP D 216 -0.96 -26.72 -22.82
C ASP D 216 -2.05 -26.03 -21.99
N THR D 217 -1.72 -24.90 -21.42
CA THR D 217 -2.71 -24.09 -20.69
C THR D 217 -3.52 -23.31 -21.70
N GLU D 218 -4.76 -22.98 -21.34
CA GLU D 218 -5.63 -22.20 -22.23
C GLU D 218 -4.93 -20.90 -22.60
N THR D 219 -4.18 -20.30 -21.66
CA THR D 219 -3.50 -19.06 -22.01
C THR D 219 -2.44 -19.26 -23.10
N ALA D 220 -1.55 -20.24 -22.91
CA ALA D 220 -0.47 -20.47 -23.91
C ALA D 220 -1.01 -20.87 -25.29
N MET D 221 -2.07 -21.68 -25.30
CA MET D 221 -2.60 -22.17 -26.54
C MET D 221 -3.24 -21.04 -27.32
N LYS D 222 -4.03 -20.20 -26.67
CA LYS D 222 -4.57 -19.01 -27.35
C LYS D 222 -3.42 -18.15 -27.91
N ALA D 223 -2.39 -17.94 -27.09
CA ALA D 223 -1.25 -17.11 -27.47
C ALA D 223 -0.42 -17.63 -28.65
N VAL D 224 -0.29 -18.95 -28.79
CA VAL D 224 0.51 -19.54 -29.88
C VAL D 224 -0.37 -20.03 -31.05
N SER D 225 -1.66 -19.73 -31.01
CA SER D 225 -2.62 -20.11 -32.05
C SER D 225 -2.07 -19.86 -33.44
N GLY D 226 -1.59 -18.64 -33.67
CA GLY D 226 -0.95 -18.30 -34.94
C GLY D 226 0.36 -19.01 -35.26
N ILE D 227 1.32 -18.95 -34.33
CA ILE D 227 2.72 -19.32 -34.58
C ILE D 227 3.02 -20.83 -34.61
N VAL D 228 3.89 -21.23 -35.54
CA VAL D 228 4.04 -22.65 -35.95
C VAL D 228 4.74 -23.46 -34.86
N HIS D 229 4.00 -24.26 -34.11
CA HIS D 229 4.63 -24.94 -32.96
C HIS D 229 4.59 -26.47 -33.04
N MET D 230 5.43 -27.06 -32.20
CA MET D 230 5.42 -28.47 -31.90
C MET D 230 4.37 -28.73 -30.82
N GLN D 231 4.18 -29.99 -30.52
CA GLN D 231 3.30 -30.41 -29.45
C GLN D 231 3.58 -29.70 -28.10
N ALA D 232 2.53 -29.15 -27.51
CA ALA D 232 2.62 -28.56 -26.21
C ALA D 232 2.63 -29.67 -25.13
N ALA D 233 3.45 -29.50 -24.10
CA ALA D 233 3.52 -30.46 -23.01
C ALA D 233 2.34 -30.30 -22.07
N PRO D 234 1.98 -31.37 -21.33
CA PRO D 234 0.82 -31.30 -20.46
C PRO D 234 1.05 -30.59 -19.16
N LYS D 235 0.09 -29.76 -18.80
CA LYS D 235 0.15 -28.97 -17.59
C LYS D 235 0.10 -29.76 -16.32
N GLU D 236 -0.56 -30.91 -16.34
CA GLU D 236 -0.68 -31.76 -15.18
C GLU D 236 0.68 -32.37 -14.78
N GLU D 237 1.41 -32.90 -15.77
CA GLU D 237 2.77 -33.42 -15.53
C GLU D 237 3.79 -32.32 -15.23
N CYS D 238 3.72 -31.21 -15.98
CA CYS D 238 4.49 -29.98 -15.69
C CYS D 238 4.39 -29.57 -14.22
N ALA D 239 3.16 -29.39 -13.76
CA ALA D 239 2.88 -29.02 -12.39
C ALA D 239 3.56 -29.98 -11.41
N LEU D 240 3.47 -31.28 -11.69
CA LEU D 240 4.06 -32.29 -10.83
C LEU D 240 5.60 -32.17 -10.75
N GLU D 241 6.24 -31.99 -11.89
CA GLU D 241 7.70 -31.82 -11.94
C GLU D 241 8.21 -30.54 -11.24
N ILE D 242 7.43 -29.48 -11.27
CA ILE D 242 7.78 -28.28 -10.51
C ILE D 242 7.77 -28.62 -9.00
N ILE D 243 6.68 -29.19 -8.53
CA ILE D 243 6.60 -29.62 -7.13
C ILE D 243 7.75 -30.59 -6.78
N LYS D 244 7.93 -31.65 -7.55
CA LYS D 244 9.05 -32.59 -7.30
C LYS D 244 10.36 -31.82 -7.20
N GLY D 245 10.61 -30.95 -8.14
CA GLY D 245 11.83 -30.18 -8.17
C GLY D 245 12.05 -29.37 -6.93
N GLY D 246 11.00 -28.65 -6.49
CA GLY D 246 11.07 -27.85 -5.27
C GLY D 246 11.23 -28.70 -4.02
N ALA D 247 10.51 -29.81 -4.01
CA ALA D 247 10.51 -30.70 -2.87
C ALA D 247 11.89 -31.33 -2.75
N LEU D 248 12.58 -31.56 -3.86
CA LEU D 248 13.95 -32.05 -3.83
C LEU D 248 15.03 -30.98 -3.74
N ARG D 249 14.61 -29.75 -3.51
CA ARG D 249 15.54 -28.60 -3.38
C ARG D 249 16.55 -28.48 -4.55
N GLN D 250 16.08 -28.83 -5.75
CA GLN D 250 16.85 -28.62 -6.98
C GLN D 250 16.96 -27.12 -7.32
N GLU D 251 18.11 -26.71 -7.84
CA GLU D 251 18.33 -25.31 -8.22
C GLU D 251 17.53 -24.93 -9.46
N GLU D 252 17.43 -25.82 -10.40
CA GLU D 252 16.64 -25.57 -11.61
C GLU D 252 15.84 -26.79 -11.99
N VAL D 253 14.70 -26.58 -12.63
CA VAL D 253 13.89 -27.66 -13.19
C VAL D 253 13.66 -27.30 -14.64
N TYR D 254 13.86 -28.28 -15.54
CA TYR D 254 13.55 -28.11 -16.95
C TYR D 254 12.37 -28.97 -17.27
N TYR D 255 11.36 -28.37 -17.86
CA TYR D 255 10.24 -29.16 -18.31
C TYR D 255 9.70 -28.51 -19.55
N ASP D 256 9.77 -29.14 -20.71
CA ASP D 256 9.98 -30.56 -20.91
C ASP D 256 11.36 -31.11 -20.55
N SER D 257 11.41 -32.38 -20.17
CA SER D 257 12.68 -33.08 -19.94
C SER D 257 13.74 -32.62 -20.94
N SER D 258 13.45 -32.87 -22.22
CA SER D 258 14.35 -32.64 -23.34
C SER D 258 14.70 -31.19 -23.66
N LEU D 259 14.23 -30.27 -22.82
CA LEU D 259 14.45 -28.84 -23.02
C LEU D 259 15.93 -28.49 -22.77
N TRP D 260 16.62 -29.27 -21.95
CA TRP D 260 18.06 -29.08 -21.71
C TRP D 260 18.86 -28.91 -23.02
N THR D 261 18.41 -29.54 -24.09
CA THR D 261 19.17 -29.56 -25.34
C THR D 261 19.32 -28.17 -25.90
N THR D 262 18.26 -27.38 -25.88
CA THR D 262 18.36 -26.04 -26.41
C THR D 262 19.20 -25.19 -25.47
N LEU D 263 19.18 -25.58 -24.20
CA LEU D 263 19.62 -24.76 -23.10
C LEU D 263 21.08 -24.98 -22.72
N LEU D 264 21.64 -26.09 -23.18
CA LEU D 264 23.02 -26.44 -22.85
C LEU D 264 23.89 -26.66 -24.09
N ILE D 265 23.30 -27.10 -25.20
CA ILE D 265 24.00 -27.27 -26.47
C ILE D 265 23.61 -26.17 -27.48
N ARG D 266 22.35 -26.08 -27.78
CA ARG D 266 21.88 -25.33 -28.95
C ARG D 266 22.11 -23.81 -28.83
N ASN D 267 21.90 -23.27 -27.63
CA ASN D 267 22.07 -21.82 -27.43
C ASN D 267 23.54 -21.36 -27.28
N PRO D 268 24.36 -22.09 -26.48
CA PRO D 268 25.82 -21.84 -26.45
C PRO D 268 26.50 -21.67 -27.84
N CYS D 269 26.01 -22.42 -28.82
CA CYS D 269 26.57 -22.41 -30.15
C CYS D 269 26.29 -21.17 -30.97
N ARG D 270 25.04 -20.72 -30.95
CA ARG D 270 24.65 -19.42 -31.59
C ARG D 270 25.55 -18.26 -31.06
N LYS D 271 25.65 -18.18 -29.73
CA LYS D 271 26.55 -17.28 -28.95
C LYS D 271 28.04 -17.31 -29.34
N ILE D 272 28.57 -18.52 -29.60
CA ILE D 272 29.93 -18.72 -30.05
C ILE D 272 30.10 -18.28 -31.53
N LEU D 273 29.17 -18.75 -32.35
CA LEU D 273 29.11 -18.38 -33.75
C LEU D 273 29.07 -16.85 -33.97
N GLU D 274 28.27 -16.11 -33.21
CA GLU D 274 28.17 -14.66 -33.42
C GLU D 274 29.36 -13.89 -32.80
#